data_4H3V
#
_entry.id   4H3V
#
_cell.length_a   70.597
_cell.length_b   70.597
_cell.length_c   288.538
_cell.angle_alpha   90.00
_cell.angle_beta   90.00
_cell.angle_gamma   90.00
#
_symmetry.space_group_name_H-M   'P 43 21 2'
#
loop_
_entity.id
_entity.type
_entity.pdbx_description
1 polymer 'Oxidoreductase domain protein'
2 non-polymer 'FORMIC ACID'
3 water water
#
_entity_poly.entity_id   1
_entity_poly.type   'polypeptide(L)'
_entity_poly.pdbx_seq_one_letter_code
;SNA(MSE)TNLGIGLIGYAF(MSE)GAAHSQAWRSAPRFFDLPLHPDLNVLCGRDAEAVRAAAGKLGWSTTETDWRTLLE
RDDVQLVDVCTPGDSHAEIAIAALEAGKHVLCEKPLANTVAEAEA(MSE)AAAAAKAAAGGIRS(MSE)VGFTYRRVPAI
ALARKLVADGKIGTVRHVRAQYLQDWIADPEAPLSWRLDKDKAGSGALGDIGAHIVDLTQFITGDRIAEVSGRLETFVKE
RPKPEAHSGLSGTASAERGPVTVDDAAVFLATFRGGALGVFEATRFATGRKNAIRIEINGSKGSLAFDFED(MSE)NLLH
FYDATEDPETAGFRRILATEPVHPYVAGWWPPGHLLGYEHGFTHQVVDLVTAIAEGKDPEPSFADGLQVQRVLAAVETSS
TSRQWQEIPE
;
_entity_poly.pdbx_strand_id   A,B
#
# COMPACT_ATOMS: atom_id res chain seq x y z
N THR A 5 -45.31 -14.49 6.92
CA THR A 5 -45.04 -13.89 5.63
C THR A 5 -44.29 -12.57 5.82
N ASN A 6 -44.34 -12.02 7.02
CA ASN A 6 -43.71 -10.74 7.27
C ASN A 6 -42.72 -10.85 8.38
N LEU A 7 -41.76 -9.93 8.38
CA LEU A 7 -40.70 -9.90 9.37
C LEU A 7 -40.64 -8.49 9.93
N GLY A 8 -41.10 -8.34 11.18
CA GLY A 8 -41.08 -7.03 11.83
C GLY A 8 -39.69 -6.57 12.24
N ILE A 9 -39.32 -5.36 11.84
CA ILE A 9 -38.00 -4.79 12.15
C ILE A 9 -38.10 -3.65 13.17
N GLY A 10 -37.17 -3.64 14.11
CA GLY A 10 -36.92 -2.50 14.99
C GLY A 10 -35.48 -2.07 14.82
N LEU A 11 -35.25 -0.76 14.72
CA LEU A 11 -33.87 -0.24 14.54
C LEU A 11 -33.46 0.65 15.72
N ILE A 12 -32.28 0.37 16.27
CA ILE A 12 -31.64 1.17 17.32
C ILE A 12 -30.37 1.83 16.79
N GLY A 13 -30.27 3.15 16.89
CA GLY A 13 -29.10 3.90 16.43
C GLY A 13 -29.33 4.70 15.15
N TYR A 14 -30.54 5.23 14.95
CA TYR A 14 -30.87 5.99 13.72
C TYR A 14 -29.97 7.18 13.50
N ALA A 15 -29.49 7.77 14.58
CA ALA A 15 -28.66 8.96 14.43
C ALA A 15 -27.30 8.68 13.80
N PHE A 16 -26.86 7.44 13.87
CA PHE A 16 -25.56 7.00 13.33
C PHE A 16 -25.61 6.43 11.89
N GLY A 18 -28.99 5.52 10.40
CA GLY A 18 -30.41 5.36 10.13
C GLY A 18 -30.74 5.48 8.65
N ALA A 19 -30.09 6.41 7.95
CA ALA A 19 -30.45 6.62 6.55
C ALA A 19 -30.01 5.40 5.72
N ALA A 20 -28.76 4.96 5.91
CA ALA A 20 -28.24 3.85 5.12
C ALA A 20 -28.95 2.55 5.43
N HIS A 21 -29.24 2.32 6.70
CA HIS A 21 -29.94 1.09 7.03
C HIS A 21 -31.44 1.14 6.62
N SER A 22 -32.09 2.27 6.80
CA SER A 22 -33.52 2.35 6.51
C SER A 22 -33.79 2.18 5.03
N GLN A 23 -32.98 2.80 4.18
CA GLN A 23 -33.22 2.67 2.73
C GLN A 23 -33.11 1.20 2.31
N ALA A 24 -32.22 0.44 2.92
CA ALA A 24 -32.10 -0.98 2.62
C ALA A 24 -33.36 -1.75 2.99
N TRP A 25 -33.90 -1.51 4.19
CA TRP A 25 -35.12 -2.20 4.59
C TRP A 25 -36.30 -1.82 3.68
N ARG A 26 -36.36 -0.55 3.27
CA ARG A 26 -37.43 -0.10 2.35
C ARG A 26 -37.30 -0.69 0.94
N SER A 27 -36.07 -0.72 0.41
CA SER A 27 -35.86 -1.10 -0.99
C SER A 27 -35.81 -2.58 -1.23
N ALA A 28 -35.32 -3.33 -0.27
CA ALA A 28 -35.08 -4.75 -0.53
C ALA A 28 -36.25 -5.52 -1.15
N PRO A 29 -37.47 -5.46 -0.57
CA PRO A 29 -38.57 -6.25 -1.17
C PRO A 29 -39.11 -5.71 -2.49
N ARG A 30 -38.74 -4.49 -2.85
CA ARG A 30 -39.16 -3.88 -4.10
C ARG A 30 -38.29 -4.30 -5.26
N PHE A 31 -37.01 -4.59 -4.98
CA PHE A 31 -36.09 -4.94 -6.02
C PHE A 31 -35.76 -6.42 -6.06
N PHE A 32 -36.02 -7.12 -4.97
CA PHE A 32 -35.76 -8.55 -4.87
C PHE A 32 -37.03 -9.27 -4.40
N ASP A 33 -37.20 -10.50 -4.86
CA ASP A 33 -38.37 -11.27 -4.49
C ASP A 33 -38.00 -12.01 -3.19
N LEU A 34 -38.37 -11.44 -2.06
CA LEU A 34 -37.96 -11.95 -0.76
C LEU A 34 -38.97 -12.94 -0.23
N PRO A 35 -38.50 -13.91 0.54
CA PRO A 35 -39.41 -14.92 1.12
C PRO A 35 -40.20 -14.41 2.30
N LEU A 36 -39.74 -13.32 2.91
CA LEU A 36 -40.49 -12.60 3.92
C LEU A 36 -40.41 -11.10 3.63
N HIS A 37 -41.49 -10.39 3.96
CA HIS A 37 -41.54 -8.97 3.75
C HIS A 37 -41.13 -8.21 5.02
N PRO A 38 -40.04 -7.42 4.95
CA PRO A 38 -39.62 -6.66 6.13
C PRO A 38 -40.52 -5.45 6.36
N ASP A 39 -41.03 -5.30 7.59
CA ASP A 39 -41.91 -4.21 7.97
C ASP A 39 -41.12 -3.26 8.88
N LEU A 40 -41.02 -1.98 8.50
CA LEU A 40 -40.29 -1.00 9.30
C LEU A 40 -41.18 -0.52 10.45
N ASN A 41 -41.19 -1.32 11.52
CA ASN A 41 -42.19 -1.14 12.57
C ASN A 41 -41.80 -0.17 13.68
N VAL A 42 -40.56 -0.25 14.18
CA VAL A 42 -40.19 0.54 15.32
C VAL A 42 -38.82 1.19 15.23
N LEU A 43 -38.80 2.51 15.41
CA LEU A 43 -37.54 3.24 15.50
C LEU A 43 -37.34 3.70 16.93
N CYS A 44 -36.16 3.41 17.47
CA CYS A 44 -35.86 3.71 18.86
C CYS A 44 -35.04 5.00 18.99
N GLY A 45 -35.40 5.86 19.93
CA GLY A 45 -34.57 7.01 20.26
C GLY A 45 -35.06 7.69 21.52
N ARG A 46 -34.12 8.19 22.31
CA ARG A 46 -34.45 8.77 23.63
C ARG A 46 -35.05 10.15 23.55
N ASP A 47 -34.81 10.84 22.44
CA ASP A 47 -35.32 12.18 22.23
C ASP A 47 -36.58 12.03 21.39
N ALA A 48 -37.73 12.17 22.03
CA ALA A 48 -38.99 11.73 21.46
C ALA A 48 -39.34 12.54 20.22
N GLU A 49 -39.07 13.84 20.27
CA GLU A 49 -39.42 14.69 19.14
C GLU A 49 -38.50 14.41 17.94
N ALA A 50 -37.22 14.17 18.20
CA ALA A 50 -36.26 13.91 17.13
C ALA A 50 -36.50 12.56 16.45
N VAL A 51 -36.85 11.56 17.26
CA VAL A 51 -37.08 10.22 16.72
C VAL A 51 -38.43 10.16 15.96
N ARG A 52 -39.42 10.92 16.39
CA ARG A 52 -40.67 11.00 15.61
C ARG A 52 -40.39 11.60 14.24
N ALA A 53 -39.57 12.64 14.19
CA ALA A 53 -39.22 13.31 12.96
C ALA A 53 -38.47 12.33 12.05
N ALA A 54 -37.50 11.64 12.64
CA ALA A 54 -36.74 10.64 11.90
C ALA A 54 -37.62 9.51 11.38
N ALA A 55 -38.58 9.08 12.18
CA ALA A 55 -39.46 8.00 11.75
C ALA A 55 -40.26 8.42 10.51
N GLY A 56 -40.72 9.67 10.46
CA GLY A 56 -41.47 10.08 9.29
C GLY A 56 -40.59 10.21 8.06
N LYS A 57 -39.36 10.64 8.26
N LYS A 57 -39.36 10.61 8.27
CA LYS A 57 -38.40 10.75 7.15
CA LYS A 57 -38.40 10.75 7.18
C LYS A 57 -38.00 9.37 6.60
C LYS A 57 -37.98 9.39 6.61
N LEU A 58 -37.75 8.43 7.50
CA LEU A 58 -37.11 7.18 7.17
C LEU A 58 -38.07 6.02 6.92
N GLY A 59 -39.33 6.20 7.31
CA GLY A 59 -40.36 5.25 6.97
C GLY A 59 -40.74 4.25 8.05
N TRP A 60 -40.57 4.62 9.32
CA TRP A 60 -40.90 3.73 10.45
C TRP A 60 -42.25 4.08 11.06
N SER A 61 -43.04 3.06 11.39
N SER A 61 -43.05 3.07 11.40
CA SER A 61 -44.44 3.23 11.80
CA SER A 61 -44.46 3.28 11.80
C SER A 61 -44.62 3.84 13.18
C SER A 61 -44.68 3.79 13.21
N THR A 62 -43.81 3.40 14.14
CA THR A 62 -43.91 3.83 15.54
C THR A 62 -42.51 4.08 16.10
N THR A 63 -42.46 4.69 17.27
CA THR A 63 -41.20 4.93 17.92
C THR A 63 -41.27 4.46 19.37
N GLU A 64 -40.10 4.20 19.95
CA GLU A 64 -39.97 3.88 21.35
C GLU A 64 -38.75 4.59 21.93
N THR A 65 -38.95 5.12 23.12
CA THR A 65 -37.90 5.77 23.93
C THR A 65 -36.83 4.84 24.48
N ASP A 66 -37.27 3.66 24.91
CA ASP A 66 -36.41 2.69 25.58
C ASP A 66 -36.17 1.51 24.66
N TRP A 67 -34.90 1.26 24.32
CA TRP A 67 -34.59 0.19 23.43
C TRP A 67 -35.06 -1.14 23.94
N ARG A 68 -35.08 -1.30 25.25
CA ARG A 68 -35.54 -2.55 25.85
C ARG A 68 -36.97 -2.92 25.43
N THR A 69 -37.76 -1.91 25.09
CA THR A 69 -39.15 -2.12 24.71
C THR A 69 -39.24 -2.91 23.40
N LEU A 70 -38.30 -2.67 22.49
CA LEU A 70 -38.29 -3.43 21.24
C LEU A 70 -38.21 -4.94 21.47
N LEU A 71 -37.55 -5.35 22.54
CA LEU A 71 -37.36 -6.75 22.82
C LEU A 71 -38.63 -7.38 23.38
N GLU A 72 -39.62 -6.55 23.75
CA GLU A 72 -40.85 -7.08 24.32
C GLU A 72 -41.96 -7.14 23.28
N ARG A 73 -41.81 -6.38 22.20
CA ARG A 73 -42.91 -6.23 21.22
C ARG A 73 -43.01 -7.40 20.24
N ASP A 74 -44.21 -7.97 20.13
CA ASP A 74 -44.43 -9.04 19.16
C ASP A 74 -44.26 -8.60 17.74
N ASP A 75 -44.33 -7.29 17.44
CA ASP A 75 -44.13 -6.83 16.05
C ASP A 75 -42.67 -6.53 15.70
N VAL A 76 -41.77 -6.92 16.60
CA VAL A 76 -40.33 -6.85 16.33
C VAL A 76 -39.80 -8.30 16.34
N GLN A 77 -39.42 -8.79 15.17
CA GLN A 77 -38.79 -10.10 15.05
C GLN A 77 -37.28 -10.00 14.93
N LEU A 78 -36.81 -8.85 14.46
CA LEU A 78 -35.40 -8.64 14.18
C LEU A 78 -35.01 -7.25 14.64
N VAL A 79 -33.93 -7.16 15.39
CA VAL A 79 -33.40 -5.89 15.87
C VAL A 79 -32.15 -5.51 15.09
N ASP A 80 -32.17 -4.33 14.48
CA ASP A 80 -31.03 -3.78 13.74
C ASP A 80 -30.30 -2.79 14.63
N VAL A 81 -29.08 -3.17 15.06
CA VAL A 81 -28.30 -2.39 16.00
C VAL A 81 -27.21 -1.60 15.28
N CYS A 82 -27.43 -0.29 15.21
CA CYS A 82 -26.58 0.68 14.45
C CYS A 82 -25.73 1.60 15.25
N THR A 83 -25.78 1.45 16.56
CA THR A 83 -25.07 2.33 17.44
C THR A 83 -23.56 2.05 17.36
N PRO A 84 -22.76 2.90 18.04
CA PRO A 84 -21.30 2.71 18.17
C PRO A 84 -20.97 1.40 18.88
N GLY A 85 -19.72 0.95 18.71
CA GLY A 85 -19.32 -0.33 19.30
C GLY A 85 -19.54 -0.49 20.77
N ASP A 86 -19.50 0.60 21.55
CA ASP A 86 -19.57 0.49 22.99
C ASP A 86 -20.89 -0.10 23.46
N SER A 87 -21.93 -0.07 22.63
CA SER A 87 -23.24 -0.57 23.08
C SER A 87 -23.65 -1.89 22.40
N HIS A 88 -22.80 -2.41 21.52
CA HIS A 88 -23.22 -3.59 20.73
C HIS A 88 -23.45 -4.80 21.61
N ALA A 89 -22.56 -5.06 22.57
CA ALA A 89 -22.70 -6.30 23.34
C ALA A 89 -23.97 -6.29 24.20
N GLU A 90 -24.19 -5.19 24.89
CA GLU A 90 -25.35 -5.07 25.76
C GLU A 90 -26.64 -5.28 24.98
N ILE A 91 -26.76 -4.60 23.84
CA ILE A 91 -28.01 -4.63 23.09
C ILE A 91 -28.17 -5.95 22.33
N ALA A 92 -27.12 -6.40 21.65
CA ALA A 92 -27.28 -7.62 20.85
C ALA A 92 -27.52 -8.87 21.71
N ILE A 93 -26.79 -9.00 22.80
CA ILE A 93 -26.99 -10.15 23.70
C ILE A 93 -28.41 -10.17 24.26
N ALA A 94 -28.88 -9.03 24.74
CA ALA A 94 -30.24 -8.93 25.24
C ALA A 94 -31.26 -9.31 24.17
N ALA A 95 -31.05 -8.80 22.95
CA ALA A 95 -31.98 -9.06 21.85
C ALA A 95 -32.05 -10.57 21.55
N LEU A 96 -30.88 -11.20 21.41
CA LEU A 96 -30.82 -12.62 21.14
C LEU A 96 -31.49 -13.41 22.27
N GLU A 97 -31.24 -13.01 23.52
CA GLU A 97 -31.84 -13.71 24.66
C GLU A 97 -33.36 -13.53 24.70
N ALA A 98 -33.86 -12.48 24.08
CA ALA A 98 -35.30 -12.22 23.96
C ALA A 98 -35.91 -12.88 22.76
N GLY A 99 -35.11 -13.67 22.05
CA GLY A 99 -35.58 -14.39 20.86
C GLY A 99 -35.75 -13.55 19.60
N LYS A 100 -35.02 -12.45 19.53
CA LYS A 100 -35.04 -11.62 18.35
C LYS A 100 -33.80 -11.89 17.52
N HIS A 101 -33.98 -12.01 16.20
CA HIS A 101 -32.86 -12.05 15.24
C HIS A 101 -32.10 -10.70 15.33
N VAL A 102 -30.80 -10.68 15.05
CA VAL A 102 -30.04 -9.44 15.18
C VAL A 102 -29.16 -9.19 13.98
N LEU A 103 -29.23 -7.95 13.49
CA LEU A 103 -28.21 -7.39 12.60
C LEU A 103 -27.41 -6.38 13.43
N CYS A 104 -26.11 -6.57 13.55
CA CYS A 104 -25.25 -5.66 14.33
C CYS A 104 -24.19 -5.02 13.46
N GLU A 105 -24.01 -3.71 13.55
CA GLU A 105 -22.93 -3.04 12.81
C GLU A 105 -21.54 -3.49 13.26
N LYS A 106 -20.56 -3.24 12.42
CA LYS A 106 -19.19 -3.49 12.77
C LYS A 106 -18.56 -2.28 13.46
N PRO A 107 -17.38 -2.48 14.08
CA PRO A 107 -16.88 -3.81 14.42
C PRO A 107 -17.82 -4.46 15.44
N LEU A 108 -17.63 -5.75 15.71
CA LEU A 108 -18.58 -6.46 16.54
C LEU A 108 -18.70 -5.81 17.91
N ALA A 109 -17.56 -5.47 18.51
CA ALA A 109 -17.59 -4.87 19.83
C ALA A 109 -16.42 -3.94 20.02
N ASN A 110 -16.23 -3.47 21.25
CA ASN A 110 -15.07 -2.66 21.59
C ASN A 110 -13.93 -3.44 22.22
N THR A 111 -14.21 -4.62 22.77
CA THR A 111 -13.16 -5.48 23.33
C THR A 111 -13.35 -6.94 22.88
N VAL A 112 -12.30 -7.73 22.98
CA VAL A 112 -12.38 -9.16 22.68
C VAL A 112 -13.33 -9.85 23.68
N ALA A 113 -13.25 -9.46 24.96
CA ALA A 113 -14.15 -10.04 25.97
C ALA A 113 -15.61 -9.85 25.60
N GLU A 114 -15.96 -8.64 25.15
CA GLU A 114 -17.33 -8.38 24.70
C GLU A 114 -17.74 -9.25 23.51
N ALA A 115 -16.84 -9.32 22.52
CA ALA A 115 -17.09 -10.08 21.32
C ALA A 115 -17.24 -11.57 21.65
N GLU A 116 -16.47 -12.06 22.62
CA GLU A 116 -16.60 -13.46 23.04
C GLU A 116 -17.99 -13.72 23.66
N ALA A 117 -18.44 -12.82 24.50
CA ALA A 117 -19.77 -12.93 25.09
C ALA A 117 -20.85 -12.90 24.00
N ALA A 119 -20.46 -13.81 20.76
CA ALA A 119 -20.36 -15.04 20.00
C ALA A 119 -21.04 -16.22 20.76
N ALA A 120 -20.84 -16.28 22.08
CA ALA A 120 -21.49 -17.29 22.90
C ALA A 120 -22.99 -17.16 22.83
N ALA A 121 -23.50 -15.93 22.96
CA ALA A 121 -24.93 -15.73 22.90
C ALA A 121 -25.49 -16.10 21.53
N ALA A 122 -24.74 -15.79 20.48
CA ALA A 122 -25.16 -16.09 19.11
C ALA A 122 -25.27 -17.60 18.87
N ALA A 123 -24.32 -18.34 19.42
CA ALA A 123 -24.37 -19.81 19.33
C ALA A 123 -25.57 -20.41 20.03
N LYS A 124 -25.88 -19.93 21.24
CA LYS A 124 -27.01 -20.46 21.97
C LYS A 124 -28.28 -20.11 21.21
N ALA A 125 -28.33 -18.90 20.69
CA ALA A 125 -29.50 -18.43 19.95
C ALA A 125 -29.74 -19.23 18.66
N ALA A 126 -28.67 -19.50 17.93
CA ALA A 126 -28.77 -20.25 16.69
C ALA A 126 -29.37 -21.63 16.95
N ALA A 127 -29.06 -22.22 18.10
CA ALA A 127 -29.60 -23.53 18.45
C ALA A 127 -31.13 -23.47 18.59
N GLY A 128 -31.64 -22.29 18.92
CA GLY A 128 -33.07 -22.08 19.07
C GLY A 128 -33.71 -21.44 17.85
N GLY A 129 -32.99 -21.36 16.74
CA GLY A 129 -33.52 -20.84 15.49
C GLY A 129 -33.45 -19.33 15.34
N ILE A 130 -32.62 -18.71 16.18
CA ILE A 130 -32.51 -17.25 16.22
C ILE A 130 -31.15 -16.84 15.65
N ARG A 131 -31.21 -16.03 14.60
CA ARG A 131 -30.09 -15.78 13.68
C ARG A 131 -29.46 -14.44 13.95
N SER A 132 -28.20 -14.34 13.59
CA SER A 132 -27.48 -13.08 13.82
C SER A 132 -26.41 -12.90 12.76
N VAL A 134 -23.08 -9.89 11.62
CA VAL A 134 -22.37 -8.62 11.79
C VAL A 134 -22.24 -7.96 10.41
N GLY A 135 -22.61 -6.70 10.34
CA GLY A 135 -22.78 -6.03 9.05
C GLY A 135 -21.52 -5.42 8.45
N PHE A 136 -20.62 -6.29 7.99
CA PHE A 136 -19.47 -5.85 7.21
C PHE A 136 -19.98 -5.60 5.76
N THR A 137 -20.50 -4.41 5.55
CA THR A 137 -21.27 -4.11 4.34
C THR A 137 -20.52 -4.30 3.02
N TYR A 138 -19.23 -4.03 3.03
CA TYR A 138 -18.51 -4.04 1.77
C TYR A 138 -18.38 -5.45 1.19
N ARG A 139 -18.69 -6.48 1.95
CA ARG A 139 -18.70 -7.84 1.39
C ARG A 139 -19.76 -7.96 0.29
N ARG A 140 -20.78 -7.12 0.36
CA ARG A 140 -21.95 -7.18 -0.51
C ARG A 140 -21.88 -6.19 -1.72
N VAL A 141 -20.75 -5.54 -1.89
CA VAL A 141 -20.44 -4.84 -3.14
C VAL A 141 -20.32 -5.92 -4.23
N PRO A 142 -21.03 -5.77 -5.34
CA PRO A 142 -20.98 -6.87 -6.31
C PRO A 142 -19.58 -7.27 -6.77
N ALA A 143 -18.70 -6.32 -7.05
CA ALA A 143 -17.31 -6.60 -7.41
C ALA A 143 -16.56 -7.41 -6.37
N ILE A 144 -16.86 -7.16 -5.09
CA ILE A 144 -16.23 -7.91 -4.00
C ILE A 144 -16.77 -9.33 -3.90
N ALA A 145 -18.10 -9.48 -3.99
CA ALA A 145 -18.67 -10.80 -4.04
C ALA A 145 -18.16 -11.60 -5.25
N LEU A 146 -17.94 -10.92 -6.36
CA LEU A 146 -17.37 -11.56 -7.54
C LEU A 146 -15.93 -12.02 -7.27
N ALA A 147 -15.15 -11.16 -6.62
CA ALA A 147 -13.79 -11.53 -6.27
C ALA A 147 -13.77 -12.83 -5.43
N ARG A 148 -14.67 -12.91 -4.45
CA ARG A 148 -14.82 -14.12 -3.62
C ARG A 148 -15.11 -15.31 -4.53
N LYS A 149 -16.02 -15.13 -5.49
CA LYS A 149 -16.36 -16.24 -6.40
C LYS A 149 -15.18 -16.68 -7.26
N LEU A 150 -14.40 -15.73 -7.76
CA LEU A 150 -13.28 -16.10 -8.59
C LEU A 150 -12.26 -16.92 -7.80
N VAL A 151 -12.04 -16.55 -6.54
CA VAL A 151 -11.15 -17.33 -5.68
C VAL A 151 -11.74 -18.71 -5.44
N ALA A 152 -13.01 -18.76 -5.11
CA ALA A 152 -13.70 -20.04 -4.87
C ALA A 152 -13.62 -20.97 -6.08
N ASP A 153 -13.65 -20.39 -7.27
CA ASP A 153 -13.56 -21.13 -8.51
C ASP A 153 -12.14 -21.58 -8.84
N GLY A 154 -11.18 -21.18 -8.03
CA GLY A 154 -9.80 -21.64 -8.14
C GLY A 154 -8.94 -20.77 -9.06
N LYS A 155 -9.41 -19.57 -9.37
CA LYS A 155 -8.74 -18.81 -10.42
C LYS A 155 -7.55 -18.04 -9.90
N ILE A 156 -7.35 -17.98 -8.59
CA ILE A 156 -6.22 -17.27 -8.00
C ILE A 156 -5.07 -18.21 -7.57
N GLY A 157 -5.39 -19.44 -7.19
CA GLY A 157 -4.37 -20.39 -6.81
C GLY A 157 -3.76 -20.07 -5.46
N THR A 158 -2.51 -20.47 -5.30
CA THR A 158 -1.81 -20.22 -4.05
C THR A 158 -1.54 -18.74 -3.85
N VAL A 159 -2.12 -18.19 -2.79
CA VAL A 159 -1.97 -16.75 -2.53
C VAL A 159 -0.61 -16.47 -1.90
N ARG A 160 0.16 -15.61 -2.57
CA ARG A 160 1.44 -15.12 -2.07
C ARG A 160 1.31 -13.77 -1.33
N HIS A 161 0.47 -12.86 -1.86
CA HIS A 161 0.40 -11.50 -1.32
C HIS A 161 -1.03 -11.03 -1.22
N VAL A 162 -1.28 -10.37 -0.11
CA VAL A 162 -2.50 -9.60 0.15
C VAL A 162 -2.05 -8.19 0.50
N ARG A 163 -2.56 -7.18 -0.20
CA ARG A 163 -2.25 -5.80 0.22
C ARG A 163 -3.58 -5.07 0.27
N ALA A 164 -3.80 -4.30 1.33
CA ALA A 164 -5.06 -3.58 1.48
C ALA A 164 -4.82 -2.23 2.13
N GLN A 165 -5.47 -1.22 1.59
CA GLN A 165 -5.45 0.10 2.17
C GLN A 165 -6.86 0.59 2.31
N TYR A 166 -7.13 1.31 3.39
CA TYR A 166 -8.40 2.03 3.48
C TYR A 166 -8.00 3.50 3.72
N LEU A 167 -8.11 4.31 2.68
CA LEU A 167 -7.59 5.67 2.69
C LEU A 167 -8.75 6.68 2.68
N GLN A 168 -8.80 7.47 3.76
CA GLN A 168 -9.73 8.61 3.91
C GLN A 168 -8.98 9.86 4.35
N ASP A 169 -9.64 11.02 4.32
CA ASP A 169 -9.00 12.27 4.71
C ASP A 169 -9.88 13.19 5.55
N TRP A 170 -10.96 12.65 6.12
CA TRP A 170 -12.01 13.51 6.64
C TRP A 170 -11.59 14.29 7.87
N ILE A 171 -10.53 13.86 8.57
CA ILE A 171 -9.93 14.70 9.65
C ILE A 171 -8.51 15.16 9.37
N ALA A 172 -8.12 15.22 8.10
CA ALA A 172 -6.75 15.57 7.79
C ALA A 172 -6.46 17.03 8.18
N ASP A 173 -7.53 17.81 8.40
CA ASP A 173 -7.38 19.22 8.79
C ASP A 173 -7.29 19.25 10.30
N PRO A 174 -6.17 19.77 10.83
CA PRO A 174 -5.97 19.74 12.29
C PRO A 174 -6.99 20.55 13.06
N GLU A 175 -7.68 21.48 12.39
CA GLU A 175 -8.65 22.33 13.07
C GLU A 175 -10.04 21.73 13.14
N ALA A 176 -10.26 20.64 12.41
CA ALA A 176 -11.51 19.88 12.52
C ALA A 176 -11.70 19.48 13.98
N PRO A 177 -12.90 19.68 14.53
CA PRO A 177 -13.06 19.57 15.99
C PRO A 177 -13.25 18.12 16.48
N LEU A 178 -13.21 17.92 17.80
CA LEU A 178 -13.41 16.61 18.44
C LEU A 178 -14.84 16.07 18.26
N SER A 179 -15.01 14.74 18.26
CA SER A 179 -16.32 14.09 18.18
C SER A 179 -16.24 12.63 18.69
N TRP A 180 -17.31 11.84 18.54
CA TRP A 180 -17.38 10.51 19.20
C TRP A 180 -16.47 9.48 18.55
N ARG A 181 -16.17 9.68 17.26
CA ARG A 181 -15.33 8.72 16.60
C ARG A 181 -13.90 8.96 16.98
N LEU A 182 -13.69 10.02 17.77
CA LEU A 182 -12.35 10.36 18.25
C LEU A 182 -12.20 10.05 19.75
N ASP A 183 -13.27 9.57 20.36
CA ASP A 183 -13.31 9.26 21.82
C ASP A 183 -13.20 7.74 22.11
N LYS A 184 -12.05 7.35 22.62
CA LYS A 184 -11.71 5.94 22.84
C LYS A 184 -12.82 5.12 23.53
N ASP A 185 -13.60 5.82 24.34
CA ASP A 185 -14.57 5.19 25.27
C ASP A 185 -15.85 4.73 24.56
N LYS A 186 -16.24 5.41 23.49
CA LYS A 186 -17.43 5.06 22.74
C LYS A 186 -17.03 4.18 21.56
N ALA A 187 -15.94 4.58 20.92
CA ALA A 187 -15.57 4.08 19.61
C ALA A 187 -14.65 2.84 19.73
N GLY A 188 -13.94 2.76 20.86
CA GLY A 188 -13.05 1.63 21.14
C GLY A 188 -11.68 1.82 20.51
N SER A 189 -11.70 2.28 19.27
CA SER A 189 -10.51 2.80 18.61
C SER A 189 -10.93 3.76 17.48
N GLY A 190 -9.91 4.18 16.73
CA GLY A 190 -10.01 5.23 15.74
C GLY A 190 -10.00 4.54 14.41
N ALA A 191 -8.97 4.79 13.60
CA ALA A 191 -8.86 4.22 12.29
C ALA A 191 -8.88 2.67 12.34
N LEU A 192 -8.18 2.10 13.31
CA LEU A 192 -8.06 0.65 13.41
C LEU A 192 -9.42 -0.03 13.47
N GLY A 193 -10.23 0.40 14.45
CA GLY A 193 -11.54 -0.21 14.69
C GLY A 193 -12.58 0.16 13.64
N ASP A 194 -12.47 1.38 13.12
CA ASP A 194 -13.48 1.90 12.20
C ASP A 194 -13.28 1.37 10.78
N ILE A 195 -12.12 1.65 10.21
CA ILE A 195 -11.81 1.26 8.83
C ILE A 195 -10.82 0.13 8.69
N GLY A 196 -9.91 -0.06 9.66
CA GLY A 196 -9.07 -1.27 9.64
C GLY A 196 -9.92 -2.54 9.67
N ALA A 197 -10.99 -2.50 10.45
CA ALA A 197 -11.86 -3.67 10.56
C ALA A 197 -12.39 -4.08 9.18
N HIS A 198 -12.80 -3.11 8.38
CA HIS A 198 -13.30 -3.39 7.04
C HIS A 198 -12.32 -4.15 6.19
N ILE A 199 -11.06 -3.71 6.18
CA ILE A 199 -10.09 -4.36 5.30
C ILE A 199 -9.58 -5.71 5.85
N VAL A 200 -9.55 -5.86 7.16
CA VAL A 200 -9.21 -7.17 7.75
C VAL A 200 -10.26 -8.16 7.24
N ASP A 201 -11.52 -7.81 7.45
CA ASP A 201 -12.59 -8.71 7.06
C ASP A 201 -12.64 -8.92 5.52
N LEU A 202 -12.47 -7.86 4.71
CA LEU A 202 -12.58 -8.02 3.26
C LEU A 202 -11.53 -8.99 2.71
N THR A 203 -10.31 -8.87 3.21
CA THR A 203 -9.21 -9.72 2.71
C THR A 203 -9.40 -11.16 3.14
N GLN A 204 -9.83 -11.38 4.39
CA GLN A 204 -10.14 -12.73 4.84
C GLN A 204 -11.31 -13.34 4.08
N PHE A 205 -12.35 -12.54 3.87
CA PHE A 205 -13.52 -12.99 3.12
C PHE A 205 -13.12 -13.42 1.68
N ILE A 206 -12.44 -12.54 0.96
CA ILE A 206 -12.14 -12.82 -0.44
C ILE A 206 -11.23 -14.06 -0.55
N THR A 207 -10.14 -14.09 0.22
CA THR A 207 -9.19 -15.22 0.15
C THR A 207 -9.74 -16.51 0.70
N GLY A 208 -10.64 -16.42 1.68
CA GLY A 208 -11.06 -17.57 2.46
C GLY A 208 -10.02 -18.03 3.47
N ASP A 209 -9.03 -17.18 3.73
CA ASP A 209 -7.98 -17.50 4.69
C ASP A 209 -8.05 -16.49 5.82
N ARG A 210 -7.35 -16.79 6.89
CA ARG A 210 -7.31 -15.96 8.10
C ARG A 210 -5.88 -15.51 8.42
N ILE A 211 -5.77 -14.27 8.89
CA ILE A 211 -4.52 -13.74 9.46
C ILE A 211 -4.06 -14.52 10.68
N ALA A 212 -2.75 -14.88 10.69
CA ALA A 212 -2.15 -15.68 11.72
C ALA A 212 -1.33 -14.89 12.71
N GLU A 213 -0.66 -13.84 12.25
CA GLU A 213 0.18 -13.04 13.14
C GLU A 213 0.31 -11.66 12.50
N VAL A 214 0.57 -10.67 13.35
CA VAL A 214 0.71 -9.30 12.89
C VAL A 214 1.85 -8.55 13.58
N SER A 215 2.36 -7.52 12.89
CA SER A 215 3.26 -6.53 13.46
C SER A 215 2.65 -5.19 13.14
N GLY A 216 2.35 -4.41 14.16
CA GLY A 216 1.54 -3.21 13.97
C GLY A 216 2.14 -1.92 14.55
N ARG A 217 1.64 -0.80 14.01
CA ARG A 217 1.93 0.53 14.54
C ARG A 217 0.68 1.40 14.38
N LEU A 218 0.26 1.98 15.51
CA LEU A 218 -0.83 2.96 15.54
C LEU A 218 -0.17 4.33 15.71
N GLU A 219 -0.77 5.34 15.08
CA GLU A 219 -0.27 6.68 15.21
C GLU A 219 -1.40 7.70 15.34
N THR A 220 -1.16 8.72 16.16
CA THR A 220 -2.05 9.88 16.20
C THR A 220 -1.24 11.11 15.77
N PHE A 221 -1.57 11.66 14.61
CA PHE A 221 -0.84 12.81 14.08
C PHE A 221 -1.24 14.12 14.76
N VAL A 222 -2.54 14.25 15.03
CA VAL A 222 -3.09 15.47 15.63
C VAL A 222 -3.69 15.06 16.99
N LYS A 223 -2.96 15.40 18.05
CA LYS A 223 -3.21 14.86 19.40
C LYS A 223 -4.16 15.76 20.19
N GLU A 224 -4.36 16.99 19.73
CA GLU A 224 -5.29 17.92 20.36
C GLU A 224 -6.09 18.61 19.28
N ARG A 225 -7.36 18.85 19.54
CA ARG A 225 -8.23 19.46 18.50
C ARG A 225 -9.16 20.43 19.19
N PRO A 226 -9.64 21.45 18.46
CA PRO A 226 -10.62 22.34 19.04
C PRO A 226 -11.77 21.53 19.62
N LYS A 227 -12.16 21.89 20.85
CA LYS A 227 -13.33 21.33 21.48
C LYS A 227 -14.54 21.73 20.65
N PRO A 228 -15.63 20.95 20.73
CA PRO A 228 -16.85 21.15 19.94
C PRO A 228 -17.39 22.58 19.91
N GLU A 229 -17.28 23.34 20.99
CA GLU A 229 -17.67 24.75 20.92
C GLU A 229 -16.57 25.67 21.43
N ALA A 230 -15.35 25.42 20.96
CA ALA A 230 -14.21 26.30 21.19
C ALA A 230 -14.45 27.68 20.55
N HIS A 231 -13.89 28.72 21.15
CA HIS A 231 -13.90 30.04 20.53
C HIS A 231 -12.67 30.23 19.63
N SER A 232 -12.91 30.47 18.34
CA SER A 232 -11.88 31.02 17.45
C SER A 232 -12.04 32.53 17.34
N GLY A 233 -11.15 33.26 18.01
CA GLY A 233 -11.18 34.71 17.99
C GLY A 233 -10.39 35.32 16.84
N LEU A 234 -9.86 36.50 17.09
CA LEU A 234 -9.27 37.29 16.02
C LEU A 234 -7.96 36.70 15.52
N THR A 237 -7.94 30.02 17.43
CA THR A 237 -8.16 29.12 18.56
C THR A 237 -6.96 29.06 19.49
N ALA A 238 -7.15 29.48 20.74
CA ALA A 238 -6.09 29.45 21.74
C ALA A 238 -5.82 28.02 22.17
N SER A 239 -4.76 27.82 22.95
CA SER A 239 -4.34 26.48 23.37
C SER A 239 -5.34 25.86 24.35
N ALA A 240 -5.96 26.72 25.17
CA ALA A 240 -6.93 26.28 26.18
C ALA A 240 -8.29 25.88 25.58
N GLU A 241 -8.46 26.09 24.28
CA GLU A 241 -9.71 25.78 23.59
C GLU A 241 -9.69 24.38 22.95
N ARG A 242 -8.55 23.68 23.08
CA ARG A 242 -8.38 22.36 22.52
C ARG A 242 -8.47 21.25 23.56
N GLY A 243 -8.83 20.03 23.13
CA GLY A 243 -8.85 18.85 24.00
C GLY A 243 -8.13 17.70 23.33
N PRO A 244 -7.83 16.63 24.07
CA PRO A 244 -7.02 15.55 23.50
C PRO A 244 -7.77 14.56 22.62
N VAL A 245 -7.08 14.04 21.61
CA VAL A 245 -7.55 12.95 20.78
C VAL A 245 -7.01 11.67 21.37
N THR A 246 -7.89 10.74 21.71
CA THR A 246 -7.50 9.54 22.47
C THR A 246 -7.54 8.26 21.63
N VAL A 247 -7.71 8.39 20.32
CA VAL A 247 -7.69 7.26 19.42
C VAL A 247 -6.61 7.45 18.37
N ASP A 248 -6.35 6.38 17.62
CA ASP A 248 -5.44 6.44 16.50
C ASP A 248 -6.03 7.12 15.27
N ASP A 249 -5.20 7.90 14.56
CA ASP A 249 -5.54 8.48 13.28
C ASP A 249 -5.24 7.50 12.13
N ALA A 250 -4.29 6.61 12.37
CA ALA A 250 -3.84 5.65 11.35
C ALA A 250 -3.35 4.37 12.02
N ALA A 251 -3.52 3.25 11.34
CA ALA A 251 -3.02 1.97 11.80
C ALA A 251 -2.42 1.25 10.60
N VAL A 252 -1.18 0.80 10.75
CA VAL A 252 -0.51 0.04 9.73
C VAL A 252 -0.01 -1.26 10.31
N PHE A 253 -0.06 -2.31 9.51
CA PHE A 253 0.44 -3.57 9.97
C PHE A 253 0.87 -4.56 8.89
N LEU A 254 1.91 -5.31 9.21
CA LEU A 254 2.28 -6.51 8.45
C LEU A 254 1.51 -7.70 8.98
N ALA A 255 1.29 -8.70 8.14
CA ALA A 255 0.57 -9.91 8.53
C ALA A 255 1.16 -11.09 7.81
N THR A 256 1.06 -12.25 8.42
CA THR A 256 1.10 -13.47 7.62
C THR A 256 -0.25 -14.15 7.78
N PHE A 257 -0.70 -14.77 6.70
CA PHE A 257 -1.92 -15.57 6.68
C PHE A 257 -1.62 -17.02 6.99
N ARG A 258 -2.63 -17.75 7.46
CA ARG A 258 -2.39 -19.13 7.83
C ARG A 258 -1.88 -19.97 6.65
N GLY A 259 -2.30 -19.63 5.44
CA GLY A 259 -1.85 -20.34 4.24
C GLY A 259 -0.45 -19.97 3.78
N GLY A 260 0.15 -18.95 4.39
CA GLY A 260 1.50 -18.54 4.04
C GLY A 260 1.67 -17.15 3.41
N ALA A 261 0.58 -16.57 2.93
CA ALA A 261 0.67 -15.27 2.22
C ALA A 261 1.18 -14.20 3.17
N LEU A 262 1.91 -13.26 2.60
CA LEU A 262 2.26 -12.04 3.30
C LEU A 262 1.14 -11.06 3.08
N GLY A 263 0.87 -10.30 4.12
CA GLY A 263 -0.10 -9.22 4.06
C GLY A 263 0.46 -7.90 4.50
N VAL A 264 0.02 -6.84 3.83
CA VAL A 264 0.42 -5.49 4.18
C VAL A 264 -0.82 -4.60 4.20
N PHE A 265 -1.12 -4.03 5.38
CA PHE A 265 -2.36 -3.30 5.69
C PHE A 265 -2.12 -1.86 6.15
N GLU A 266 -2.97 -0.95 5.68
CA GLU A 266 -2.84 0.47 6.04
C GLU A 266 -4.24 1.06 6.06
N ALA A 267 -4.62 1.63 7.20
CA ALA A 267 -5.89 2.34 7.32
C ALA A 267 -5.61 3.72 7.91
N THR A 268 -6.11 4.74 7.24
CA THR A 268 -5.87 6.10 7.73
C THR A 268 -6.94 7.09 7.38
N ARG A 269 -7.06 8.07 8.28
CA ARG A 269 -7.92 9.22 8.11
C ARG A 269 -7.20 10.48 7.63
N PHE A 270 -5.92 10.33 7.29
CA PHE A 270 -5.03 11.45 6.93
C PHE A 270 -4.44 11.30 5.52
N ALA A 271 -5.07 10.49 4.69
CA ALA A 271 -4.62 10.33 3.29
C ALA A 271 -5.22 11.41 2.38
N THR A 272 -4.72 12.65 2.56
CA THR A 272 -5.17 13.83 1.85
C THR A 272 -5.51 13.56 0.36
N GLY A 273 -6.77 13.72 -0.01
CA GLY A 273 -7.19 13.58 -1.40
C GLY A 273 -7.94 12.28 -1.65
N ARG A 274 -7.79 11.33 -0.71
CA ARG A 274 -8.48 10.06 -0.76
C ARG A 274 -9.70 10.14 0.14
N LYS A 275 -10.86 9.76 -0.39
CA LYS A 275 -12.12 9.97 0.28
C LYS A 275 -12.71 8.70 0.90
N ASN A 276 -12.85 7.64 0.11
CA ASN A 276 -13.27 6.35 0.61
C ASN A 276 -12.58 5.28 -0.24
N ALA A 277 -11.26 5.36 -0.31
CA ALA A 277 -10.48 4.52 -1.23
C ALA A 277 -10.09 3.24 -0.51
N ILE A 278 -10.94 2.22 -0.66
CA ILE A 278 -10.67 0.91 -0.12
C ILE A 278 -10.00 0.14 -1.24
N ARG A 279 -8.71 -0.13 -1.08
CA ARG A 279 -7.90 -0.70 -2.17
C ARG A 279 -7.44 -2.07 -1.76
N ILE A 280 -7.71 -3.07 -2.59
CA ILE A 280 -7.29 -4.43 -2.26
C ILE A 280 -6.63 -5.02 -3.46
N GLU A 281 -5.49 -5.68 -3.26
CA GLU A 281 -4.91 -6.49 -4.34
C GLU A 281 -4.44 -7.82 -3.76
N ILE A 282 -4.80 -8.90 -4.44
CA ILE A 282 -4.37 -10.24 -4.09
C ILE A 282 -3.60 -10.87 -5.25
N ASN A 283 -2.38 -11.35 -4.97
CA ASN A 283 -1.54 -11.99 -5.99
C ASN A 283 -1.36 -13.44 -5.64
N GLY A 284 -1.70 -14.31 -6.59
CA GLY A 284 -1.53 -15.73 -6.42
C GLY A 284 -0.91 -16.40 -7.62
N SER A 285 -0.71 -17.70 -7.47
CA SER A 285 0.05 -18.46 -8.49
C SER A 285 -0.71 -18.55 -9.82
N LYS A 286 -2.03 -18.50 -9.77
CA LYS A 286 -2.86 -18.67 -10.99
C LYS A 286 -3.47 -17.37 -11.47
N GLY A 287 -3.47 -16.33 -10.66
CA GLY A 287 -4.03 -15.06 -11.06
C GLY A 287 -3.98 -14.05 -9.92
N SER A 288 -4.41 -12.84 -10.22
CA SER A 288 -4.48 -11.73 -9.27
C SER A 288 -5.78 -10.97 -9.42
N LEU A 289 -6.18 -10.30 -8.34
CA LEU A 289 -7.39 -9.50 -8.31
C LEU A 289 -7.01 -8.13 -7.77
N ALA A 290 -7.62 -7.09 -8.30
CA ALA A 290 -7.45 -5.73 -7.76
C ALA A 290 -8.77 -4.95 -7.75
N PHE A 291 -8.98 -4.19 -6.69
CA PHE A 291 -10.22 -3.45 -6.47
C PHE A 291 -9.93 -2.12 -5.79
N ASP A 292 -10.70 -1.07 -6.12
CA ASP A 292 -10.69 0.23 -5.45
C ASP A 292 -12.12 0.70 -5.34
N PHE A 293 -12.59 0.93 -4.11
CA PHE A 293 -13.97 1.33 -3.93
C PHE A 293 -14.30 2.62 -4.66
N GLU A 294 -13.33 3.53 -4.84
CA GLU A 294 -13.66 4.73 -5.60
C GLU A 294 -13.96 4.43 -7.08
N ASP A 295 -13.59 3.23 -7.54
CA ASP A 295 -14.09 2.63 -8.78
C ASP A 295 -14.93 1.37 -8.45
N ASN A 297 -17.62 -0.17 -9.13
CA ASN A 297 -18.25 -1.03 -10.13
C ASN A 297 -17.30 -1.86 -10.97
N LEU A 298 -15.99 -1.77 -10.71
CA LEU A 298 -14.98 -2.54 -11.42
C LEU A 298 -14.30 -3.59 -10.53
N LEU A 299 -14.06 -4.76 -11.11
CA LEU A 299 -13.10 -5.72 -10.53
C LEU A 299 -12.05 -5.99 -11.58
N HIS A 300 -10.79 -5.86 -11.21
CA HIS A 300 -9.73 -6.21 -12.13
C HIS A 300 -9.20 -7.61 -11.89
N PHE A 301 -9.13 -8.41 -12.94
CA PHE A 301 -8.72 -9.81 -12.82
C PHE A 301 -7.66 -10.17 -13.85
N TYR A 302 -6.49 -10.56 -13.34
CA TYR A 302 -5.38 -11.12 -14.13
C TYR A 302 -5.34 -12.63 -14.04
N ASP A 303 -5.43 -13.29 -15.17
CA ASP A 303 -5.24 -14.72 -15.30
C ASP A 303 -3.84 -15.08 -15.70
N ALA A 304 -3.13 -15.70 -14.75
CA ALA A 304 -1.74 -16.03 -14.95
C ALA A 304 -1.55 -17.24 -15.83
N THR A 305 -2.64 -17.91 -16.21
CA THR A 305 -2.53 -19.07 -17.07
C THR A 305 -2.73 -18.71 -18.53
N GLU A 306 -2.98 -17.44 -18.78
CA GLU A 306 -3.23 -17.00 -20.14
C GLU A 306 -1.90 -16.77 -20.86
N ASP A 307 -1.92 -16.90 -22.18
CA ASP A 307 -0.74 -16.73 -23.04
C ASP A 307 -0.18 -15.35 -22.73
N PRO A 308 1.13 -15.22 -22.54
CA PRO A 308 1.75 -13.94 -22.22
C PRO A 308 1.49 -12.90 -23.31
N GLU A 309 1.17 -13.36 -24.52
CA GLU A 309 0.86 -12.37 -25.57
C GLU A 309 -0.33 -11.52 -25.22
N THR A 310 -1.35 -12.07 -24.55
CA THR A 310 -2.51 -11.28 -24.20
C THR A 310 -2.85 -11.19 -22.70
N ALA A 311 -2.02 -11.79 -21.83
CA ALA A 311 -2.32 -11.79 -20.39
C ALA A 311 -2.30 -10.38 -19.85
N GLY A 312 -3.26 -10.06 -19.00
CA GLY A 312 -3.33 -8.76 -18.34
C GLY A 312 -4.55 -8.65 -17.48
N PHE A 313 -4.61 -7.62 -16.65
CA PHE A 313 -5.76 -7.42 -15.76
C PHE A 313 -6.93 -7.01 -16.62
N ARG A 314 -7.99 -7.81 -16.60
CA ARG A 314 -9.20 -7.36 -17.29
C ARG A 314 -10.12 -6.60 -16.38
N ARG A 315 -10.60 -5.52 -16.94
CA ARG A 315 -11.53 -4.61 -16.31
C ARG A 315 -12.92 -5.24 -16.41
N ILE A 316 -13.37 -5.83 -15.31
CA ILE A 316 -14.73 -6.39 -15.31
C ILE A 316 -15.69 -5.35 -14.74
N LEU A 317 -16.58 -4.85 -15.59
CA LEU A 317 -17.63 -4.00 -15.13
C LEU A 317 -18.68 -4.91 -14.50
N ALA A 318 -18.84 -4.76 -13.19
CA ALA A 318 -19.66 -5.67 -12.42
C ALA A 318 -21.13 -5.29 -12.48
N THR A 319 -21.66 -5.27 -13.69
CA THR A 319 -23.04 -4.88 -13.93
C THR A 319 -23.80 -5.86 -14.82
N GLU A 320 -23.34 -7.11 -14.89
CA GLU A 320 -24.07 -8.17 -15.60
C GLU A 320 -25.05 -8.88 -14.67
N PRO A 321 -26.15 -9.37 -15.24
CA PRO A 321 -27.11 -10.07 -14.38
C PRO A 321 -26.55 -11.35 -13.71
N VAL A 322 -25.48 -11.92 -14.27
CA VAL A 322 -24.82 -13.05 -13.64
C VAL A 322 -23.93 -12.68 -12.46
N HIS A 323 -23.65 -11.40 -12.28
CA HIS A 323 -22.86 -10.97 -11.14
C HIS A 323 -23.71 -10.89 -9.88
N PRO A 324 -23.08 -11.12 -8.72
CA PRO A 324 -23.86 -11.14 -7.48
C PRO A 324 -24.76 -9.91 -7.30
N TYR A 325 -26.04 -10.16 -7.04
CA TYR A 325 -27.02 -9.11 -6.65
C TYR A 325 -27.50 -8.25 -7.80
N VAL A 326 -26.73 -8.12 -8.87
CA VAL A 326 -27.01 -7.12 -9.93
C VAL A 326 -28.34 -7.33 -10.61
N ALA A 327 -28.80 -8.57 -10.67
CA ALA A 327 -30.06 -8.89 -11.36
C ALA A 327 -31.25 -8.11 -10.74
N GLY A 328 -31.10 -7.63 -9.54
CA GLY A 328 -32.20 -6.91 -8.90
C GLY A 328 -32.28 -5.46 -9.35
N TRP A 329 -31.27 -4.97 -10.08
CA TRP A 329 -31.11 -3.53 -10.30
C TRP A 329 -31.28 -3.15 -11.79
N TRP A 330 -30.25 -2.58 -12.40
CA TRP A 330 -30.38 -1.87 -13.67
C TRP A 330 -29.57 -2.58 -14.76
N PRO A 331 -29.70 -2.14 -16.00
CA PRO A 331 -28.96 -2.84 -17.07
C PRO A 331 -27.47 -2.63 -17.02
N PRO A 332 -26.74 -3.36 -17.86
CA PRO A 332 -25.28 -3.22 -17.88
C PRO A 332 -24.85 -1.77 -18.04
N GLY A 333 -23.82 -1.40 -17.27
CA GLY A 333 -23.23 -0.08 -17.30
C GLY A 333 -24.00 0.95 -16.49
N HIS A 334 -25.14 0.54 -15.95
CA HIS A 334 -25.97 1.46 -15.17
C HIS A 334 -25.54 1.26 -13.72
N LEU A 335 -24.63 2.09 -13.30
CA LEU A 335 -23.81 1.85 -12.10
C LEU A 335 -24.59 1.85 -10.80
N LEU A 336 -24.08 1.03 -9.88
CA LEU A 336 -24.50 0.99 -8.51
C LEU A 336 -23.53 1.84 -7.65
N GLY A 337 -23.84 1.94 -6.37
CA GLY A 337 -23.09 2.79 -5.46
C GLY A 337 -23.00 2.25 -4.04
N TYR A 338 -22.59 3.13 -3.12
CA TYR A 338 -22.39 2.74 -1.73
C TYR A 338 -23.60 2.11 -1.09
N GLU A 339 -24.77 2.63 -1.41
CA GLU A 339 -25.97 2.23 -0.65
C GLU A 339 -26.46 0.83 -0.95
N HIS A 340 -26.10 0.29 -2.10
CA HIS A 340 -26.69 -0.98 -2.54
C HIS A 340 -26.27 -2.13 -1.67
N GLY A 341 -25.02 -2.12 -1.18
CA GLY A 341 -24.57 -3.16 -0.30
C GLY A 341 -25.42 -3.39 0.92
N PHE A 342 -26.02 -2.32 1.45
CA PHE A 342 -26.90 -2.46 2.60
C PHE A 342 -28.15 -3.21 2.23
N THR A 343 -28.70 -2.93 1.05
CA THR A 343 -29.85 -3.67 0.56
C THR A 343 -29.51 -5.13 0.37
N HIS A 344 -28.35 -5.40 -0.20
CA HIS A 344 -27.95 -6.78 -0.39
C HIS A 344 -27.80 -7.55 0.95
N GLN A 345 -27.28 -6.87 1.99
N GLN A 345 -27.32 -6.86 1.97
CA GLN A 345 -27.24 -7.46 3.33
CA GLN A 345 -27.21 -7.44 3.30
C GLN A 345 -28.63 -7.90 3.76
C GLN A 345 -28.58 -7.81 3.89
N VAL A 346 -29.59 -6.99 3.63
CA VAL A 346 -30.97 -7.30 4.00
C VAL A 346 -31.49 -8.51 3.24
N VAL A 347 -31.26 -8.54 1.93
CA VAL A 347 -31.71 -9.66 1.12
C VAL A 347 -31.16 -10.95 1.69
N ASP A 348 -29.85 -10.96 1.96
CA ASP A 348 -29.20 -12.20 2.42
C ASP A 348 -29.65 -12.57 3.83
N LEU A 349 -29.83 -11.57 4.70
CA LEU A 349 -30.30 -11.83 6.08
C LEU A 349 -31.73 -12.36 6.12
N VAL A 350 -32.62 -11.72 5.36
CA VAL A 350 -34.00 -12.15 5.34
C VAL A 350 -34.09 -13.56 4.78
N THR A 351 -33.31 -13.82 3.74
CA THR A 351 -33.31 -15.11 3.09
C THR A 351 -32.76 -16.21 4.02
N ALA A 352 -31.66 -15.92 4.73
CA ALA A 352 -31.15 -16.88 5.72
C ALA A 352 -32.19 -17.20 6.79
N ILE A 353 -32.85 -16.18 7.33
CA ILE A 353 -33.86 -16.41 8.37
C ILE A 353 -34.97 -17.34 7.83
N ALA A 354 -35.49 -17.01 6.65
CA ALA A 354 -36.57 -17.78 6.05
C ALA A 354 -36.16 -19.22 5.81
N GLU A 355 -34.91 -19.44 5.41
CA GLU A 355 -34.43 -20.78 5.06
C GLU A 355 -33.83 -21.54 6.26
N GLY A 356 -33.80 -20.90 7.44
CA GLY A 356 -33.22 -21.53 8.62
C GLY A 356 -31.72 -21.74 8.57
N LYS A 357 -31.02 -20.80 7.97
CA LYS A 357 -29.58 -20.85 7.82
C LYS A 357 -28.90 -19.76 8.64
N ASP A 358 -27.66 -20.01 9.04
CA ASP A 358 -26.93 -19.02 9.83
C ASP A 358 -26.23 -18.07 8.89
N PRO A 359 -26.54 -16.78 9.03
CA PRO A 359 -26.00 -15.79 8.10
C PRO A 359 -24.51 -15.60 8.28
N GLU A 360 -23.86 -15.11 7.23
CA GLU A 360 -22.45 -14.80 7.23
C GLU A 360 -22.21 -13.34 6.82
N PRO A 361 -21.31 -12.64 7.52
CA PRO A 361 -20.44 -13.12 8.61
C PRO A 361 -21.21 -13.25 9.91
N SER A 362 -20.88 -14.31 10.62
CA SER A 362 -21.48 -14.60 11.91
C SER A 362 -20.84 -13.75 13.03
N PHE A 363 -21.42 -13.80 14.22
CA PHE A 363 -20.78 -13.16 15.35
C PHE A 363 -19.44 -13.84 15.62
N ALA A 364 -19.36 -15.16 15.41
CA ALA A 364 -18.06 -15.84 15.56
C ALA A 364 -17.01 -15.25 14.61
N ASP A 365 -17.41 -14.97 13.36
CA ASP A 365 -16.53 -14.35 12.40
C ASP A 365 -16.14 -12.94 12.87
N GLY A 366 -17.10 -12.21 13.43
CA GLY A 366 -16.84 -10.88 13.98
C GLY A 366 -15.84 -10.91 15.12
N LEU A 367 -15.93 -11.96 15.95
CA LEU A 367 -15.00 -12.15 17.06
C LEU A 367 -13.56 -12.36 16.54
N GLN A 368 -13.40 -13.15 15.49
CA GLN A 368 -12.04 -13.40 14.98
C GLN A 368 -11.47 -12.09 14.46
N VAL A 369 -12.30 -11.29 13.78
CA VAL A 369 -11.82 -9.97 13.34
C VAL A 369 -11.39 -9.13 14.54
N GLN A 370 -12.20 -9.13 15.59
CA GLN A 370 -11.91 -8.40 16.79
C GLN A 370 -10.54 -8.79 17.36
N ARG A 371 -10.27 -10.09 17.34
CA ARG A 371 -8.98 -10.62 17.81
C ARG A 371 -7.82 -10.10 16.97
N VAL A 372 -8.01 -9.95 15.66
CA VAL A 372 -6.97 -9.35 14.81
C VAL A 372 -6.76 -7.91 15.24
N LEU A 373 -7.85 -7.17 15.42
CA LEU A 373 -7.73 -5.75 15.77
C LEU A 373 -6.99 -5.61 17.10
N ALA A 374 -7.37 -6.41 18.08
CA ALA A 374 -6.73 -6.36 19.38
C ALA A 374 -5.23 -6.69 19.27
N ALA A 375 -4.90 -7.65 18.42
CA ALA A 375 -3.49 -8.03 18.23
C ALA A 375 -2.67 -6.90 17.58
N VAL A 376 -3.24 -6.20 16.60
CA VAL A 376 -2.55 -5.06 16.01
C VAL A 376 -2.30 -3.99 17.08
N GLU A 377 -3.29 -3.71 17.92
CA GLU A 377 -3.13 -2.68 18.91
C GLU A 377 -2.07 -3.07 19.92
N THR A 378 -2.15 -4.31 20.40
CA THR A 378 -1.18 -4.80 21.34
C THR A 378 0.23 -4.85 20.75
N SER A 379 0.31 -5.24 19.49
CA SER A 379 1.57 -5.24 18.82
C SER A 379 2.17 -3.82 18.80
N SER A 380 1.34 -2.81 18.50
CA SER A 380 1.85 -1.44 18.50
C SER A 380 2.42 -1.05 19.86
N THR A 381 1.68 -1.32 20.94
CA THR A 381 2.14 -0.88 22.27
C THR A 381 3.34 -1.68 22.77
N SER A 382 3.36 -2.98 22.45
CA SER A 382 4.38 -3.89 22.95
C SER A 382 5.63 -3.89 22.11
N ARG A 383 5.50 -3.39 20.88
CA ARG A 383 6.56 -3.43 19.85
C ARG A 383 6.98 -4.86 19.50
N GLN A 384 6.04 -5.79 19.64
CA GLN A 384 6.30 -7.20 19.32
C GLN A 384 5.22 -7.76 18.41
N TRP A 385 5.59 -8.71 17.56
CA TRP A 385 4.62 -9.43 16.76
C TRP A 385 3.65 -10.14 17.70
N GLN A 386 2.40 -10.30 17.24
CA GLN A 386 1.34 -10.94 18.02
C GLN A 386 0.63 -11.97 17.19
N GLU A 387 0.42 -13.14 17.77
CA GLU A 387 -0.30 -14.23 17.10
C GLU A 387 -1.80 -14.11 17.34
N ILE A 388 -2.58 -14.54 16.34
CA ILE A 388 -4.02 -14.53 16.47
C ILE A 388 -4.48 -15.95 16.76
N PRO A 389 -5.16 -16.13 17.90
CA PRO A 389 -5.80 -17.39 18.30
C PRO A 389 -6.55 -18.00 17.13
N GLU A 390 -6.29 -19.26 16.83
CA GLU A 390 -6.92 -19.92 15.70
C GLU A 390 -8.17 -20.66 16.17
N THR B 5 38.38 18.95 -22.50
CA THR B 5 37.12 18.87 -23.24
C THR B 5 36.47 17.48 -23.23
N ASN B 6 37.25 16.43 -22.99
CA ASN B 6 36.73 15.07 -23.06
C ASN B 6 36.85 14.34 -21.75
N LEU B 7 35.98 13.38 -21.53
CA LEU B 7 36.02 12.58 -20.30
C LEU B 7 36.03 11.09 -20.67
N GLY B 8 37.18 10.44 -20.46
CA GLY B 8 37.30 9.05 -20.85
C GLY B 8 36.60 8.11 -19.86
N ILE B 9 35.80 7.21 -20.40
CA ILE B 9 35.00 6.29 -19.58
C ILE B 9 35.52 4.86 -19.72
N GLY B 10 35.58 4.13 -18.59
CA GLY B 10 35.75 2.71 -18.63
C GLY B 10 34.61 2.03 -17.86
N LEU B 11 34.08 0.94 -18.41
CA LEU B 11 32.93 0.28 -17.80
C LEU B 11 33.27 -1.18 -17.43
N ILE B 12 32.91 -1.52 -16.20
CA ILE B 12 33.08 -2.87 -15.65
C ILE B 12 31.68 -3.45 -15.33
N GLY B 13 31.37 -4.64 -15.85
CA GLY B 13 30.09 -5.30 -15.61
C GLY B 13 29.11 -5.23 -16.77
N TYR B 14 29.64 -5.21 -18.01
CA TYR B 14 28.78 -5.16 -19.23
C TYR B 14 27.72 -6.25 -19.28
N ALA B 15 28.01 -7.42 -18.75
CA ALA B 15 27.10 -8.54 -18.86
C ALA B 15 25.88 -8.31 -17.97
N PHE B 16 25.98 -7.35 -17.06
CA PHE B 16 24.89 -7.08 -16.13
C PHE B 16 24.01 -5.88 -16.53
N GLY B 18 25.23 -3.61 -19.19
CA GLY B 18 26.03 -3.04 -20.28
C GLY B 18 25.22 -2.28 -21.30
N ALA B 19 24.07 -2.84 -21.71
CA ALA B 19 23.23 -2.17 -22.71
C ALA B 19 22.68 -0.85 -22.15
N ALA B 20 22.13 -0.92 -20.93
CA ALA B 20 21.46 0.29 -20.37
C ALA B 20 22.45 1.40 -20.06
N HIS B 21 23.64 1.06 -19.53
CA HIS B 21 24.62 2.09 -19.31
C HIS B 21 25.30 2.62 -20.55
N SER B 22 25.57 1.75 -21.52
CA SER B 22 26.27 2.20 -22.72
C SER B 22 25.42 3.14 -23.57
N GLN B 23 24.13 2.87 -23.67
CA GLN B 23 23.25 3.76 -24.47
C GLN B 23 23.24 5.18 -23.86
N ALA B 24 23.36 5.26 -22.54
CA ALA B 24 23.42 6.56 -21.87
C ALA B 24 24.67 7.32 -22.17
N TRP B 25 25.84 6.64 -22.12
CA TRP B 25 27.10 7.30 -22.45
C TRP B 25 27.12 7.74 -23.92
N ARG B 26 26.52 6.94 -24.80
CA ARG B 26 26.46 7.28 -26.24
C ARG B 26 25.51 8.45 -26.49
N SER B 27 24.35 8.41 -25.88
CA SER B 27 23.30 9.38 -26.18
C SER B 27 23.46 10.78 -25.54
N ALA B 28 24.02 10.83 -24.34
CA ALA B 28 23.99 12.07 -23.55
C ALA B 28 24.51 13.30 -24.32
N PRO B 29 25.69 13.20 -24.97
CA PRO B 29 26.17 14.42 -25.64
C PRO B 29 25.41 14.78 -26.92
N ARG B 30 24.63 13.86 -27.47
CA ARG B 30 23.86 14.13 -28.68
C ARG B 30 22.56 14.86 -28.37
N PHE B 31 22.02 14.61 -27.18
CA PHE B 31 20.75 15.24 -26.82
C PHE B 31 20.87 16.38 -25.86
N PHE B 32 22.01 16.45 -25.16
CA PHE B 32 22.25 17.51 -24.20
C PHE B 32 23.56 18.20 -24.54
N ASP B 33 23.64 19.50 -24.29
CA ASP B 33 24.87 20.28 -24.54
C ASP B 33 25.74 20.12 -23.28
N LEU B 34 26.69 19.17 -23.32
CA LEU B 34 27.46 18.83 -22.15
C LEU B 34 28.78 19.59 -22.10
N PRO B 35 29.27 19.91 -20.89
CA PRO B 35 30.55 20.63 -20.78
C PRO B 35 31.79 19.77 -21.03
N LEU B 36 31.61 18.46 -21.03
CA LEU B 36 32.64 17.48 -21.36
C LEU B 36 32.05 16.41 -22.21
N HIS B 37 32.83 15.90 -23.16
CA HIS B 37 32.32 14.86 -24.03
C HIS B 37 32.75 13.48 -23.57
N PRO B 38 31.80 12.60 -23.20
CA PRO B 38 32.19 11.26 -22.71
C PRO B 38 32.66 10.36 -23.86
N ASP B 39 33.83 9.75 -23.72
CA ASP B 39 34.42 8.88 -24.71
C ASP B 39 34.32 7.47 -24.18
N LEU B 40 33.68 6.58 -24.95
CA LEU B 40 33.47 5.20 -24.49
C LEU B 40 34.77 4.43 -24.79
N ASN B 41 35.73 4.51 -23.89
CA ASN B 41 37.09 4.09 -24.23
C ASN B 41 37.40 2.63 -23.93
N VAL B 42 36.98 2.13 -22.78
CA VAL B 42 37.36 0.78 -22.33
C VAL B 42 36.22 -0.02 -21.73
N LEU B 43 35.98 -1.18 -22.33
CA LEU B 43 35.08 -2.16 -21.77
C LEU B 43 35.87 -3.31 -21.16
N CYS B 44 35.60 -3.63 -19.91
CA CYS B 44 36.31 -4.69 -19.21
C CYS B 44 35.55 -6.02 -19.18
N GLY B 45 36.25 -7.11 -19.42
CA GLY B 45 35.68 -8.43 -19.24
C GLY B 45 36.74 -9.50 -19.35
N ARG B 46 36.60 -10.56 -18.56
CA ARG B 46 37.58 -11.62 -18.55
C ARG B 46 37.46 -12.58 -19.72
N ASP B 47 36.29 -12.66 -20.35
CA ASP B 47 36.12 -13.53 -21.53
C ASP B 47 36.45 -12.68 -22.76
N ALA B 48 37.65 -12.87 -23.31
CA ALA B 48 38.16 -11.99 -24.36
C ALA B 48 37.22 -11.88 -25.58
N GLU B 49 36.74 -13.02 -26.09
CA GLU B 49 35.88 -12.98 -27.27
C GLU B 49 34.53 -12.30 -26.98
N ALA B 50 33.96 -12.58 -25.80
CA ALA B 50 32.66 -12.03 -25.44
C ALA B 50 32.74 -10.52 -25.25
N VAL B 51 33.83 -10.04 -24.62
CA VAL B 51 33.95 -8.60 -24.36
C VAL B 51 34.26 -7.84 -25.64
N ARG B 52 35.01 -8.46 -26.55
CA ARG B 52 35.24 -7.82 -27.83
C ARG B 52 33.95 -7.68 -28.63
N ALA B 53 33.12 -8.72 -28.62
CA ALA B 53 31.83 -8.65 -29.32
C ALA B 53 30.96 -7.54 -28.71
N ALA B 54 30.93 -7.51 -27.39
CA ALA B 54 30.11 -6.54 -26.70
C ALA B 54 30.62 -5.14 -26.96
N ALA B 55 31.94 -4.96 -27.02
CA ALA B 55 32.49 -3.66 -27.32
C ALA B 55 32.05 -3.16 -28.71
N GLY B 56 31.98 -4.07 -29.67
CA GLY B 56 31.52 -3.71 -31.02
C GLY B 56 30.05 -3.32 -31.02
N LYS B 57 29.27 -4.10 -30.29
CA LYS B 57 27.82 -3.87 -30.19
C LYS B 57 27.50 -2.58 -29.48
N LEU B 58 28.23 -2.30 -28.39
CA LEU B 58 27.86 -1.27 -27.46
C LEU B 58 28.61 0.06 -27.68
N GLY B 59 29.70 0.07 -28.45
CA GLY B 59 30.34 1.29 -28.88
C GLY B 59 31.62 1.67 -28.13
N TRP B 60 32.31 0.66 -27.56
CA TRP B 60 33.57 0.85 -26.79
C TRP B 60 34.82 0.59 -27.63
N SER B 61 35.81 1.47 -27.53
CA SER B 61 36.94 1.48 -28.43
C SER B 61 37.95 0.37 -28.20
N THR B 62 38.13 -0.02 -26.94
CA THR B 62 39.13 -1.04 -26.57
C THR B 62 38.59 -1.88 -25.44
N THR B 63 39.26 -3.00 -25.17
CA THR B 63 38.86 -3.87 -24.10
C THR B 63 40.05 -4.22 -23.23
N GLU B 64 39.74 -4.57 -21.96
CA GLU B 64 40.72 -5.09 -21.01
C GLU B 64 40.16 -6.27 -20.23
N THR B 65 41.03 -7.26 -20.05
CA THR B 65 40.75 -8.46 -19.25
C THR B 65 40.70 -8.20 -17.74
N ASP B 66 41.56 -7.32 -17.26
CA ASP B 66 41.75 -7.11 -15.83
C ASP B 66 41.23 -5.74 -15.50
N TRP B 67 40.24 -5.68 -14.61
CA TRP B 67 39.65 -4.40 -14.26
C TRP B 67 40.67 -3.42 -13.66
N ARG B 68 41.73 -3.95 -13.06
CA ARG B 68 42.74 -3.10 -12.43
C ARG B 68 43.47 -2.27 -13.49
N THR B 69 43.50 -2.75 -14.72
CA THR B 69 44.17 -2.01 -15.81
C THR B 69 43.47 -0.65 -16.07
N LEU B 70 42.15 -0.58 -15.86
CA LEU B 70 41.45 0.68 -16.03
C LEU B 70 41.95 1.76 -15.06
N LEU B 71 42.42 1.32 -13.91
CA LEU B 71 42.92 2.26 -12.91
C LEU B 71 44.27 2.89 -13.31
N GLU B 72 44.95 2.31 -14.29
N GLU B 72 44.94 2.30 -14.30
CA GLU B 72 46.27 2.79 -14.70
CA GLU B 72 46.28 2.73 -14.71
C GLU B 72 46.24 3.66 -15.93
C GLU B 72 46.30 3.53 -16.00
N ARG B 73 45.20 3.49 -16.74
CA ARG B 73 45.11 4.11 -18.06
C ARG B 73 44.72 5.57 -18.03
N ASP B 74 45.51 6.42 -18.69
CA ASP B 74 45.21 7.84 -18.69
C ASP B 74 43.91 8.18 -19.40
N ASP B 75 43.45 7.32 -20.31
CA ASP B 75 42.20 7.58 -21.06
C ASP B 75 40.96 7.05 -20.33
N VAL B 76 41.15 6.60 -19.09
CA VAL B 76 40.02 6.33 -18.20
C VAL B 76 40.05 7.38 -17.08
N GLN B 77 39.12 8.32 -17.13
CA GLN B 77 38.94 9.34 -16.10
C GLN B 77 37.85 8.96 -15.10
N LEU B 78 36.91 8.13 -15.56
CA LEU B 78 35.73 7.75 -14.80
C LEU B 78 35.47 6.27 -14.99
N VAL B 79 35.26 5.56 -13.90
CA VAL B 79 34.96 4.14 -13.92
C VAL B 79 33.50 3.94 -13.57
N ASP B 80 32.76 3.28 -14.46
CA ASP B 80 31.37 2.93 -14.29
C ASP B 80 31.31 1.46 -13.85
N VAL B 81 30.88 1.25 -12.61
CA VAL B 81 30.89 -0.06 -11.96
C VAL B 81 29.49 -0.65 -11.96
N CYS B 82 29.27 -1.69 -12.77
CA CYS B 82 27.94 -2.31 -13.03
C CYS B 82 27.83 -3.75 -12.60
N THR B 83 28.87 -4.27 -11.98
CA THR B 83 28.88 -5.63 -11.43
C THR B 83 27.89 -5.77 -10.23
N PRO B 84 27.60 -7.03 -9.83
CA PRO B 84 26.83 -7.21 -8.60
C PRO B 84 27.50 -6.59 -7.37
N GLY B 85 26.70 -6.42 -6.33
CA GLY B 85 27.18 -5.72 -5.16
C GLY B 85 28.41 -6.32 -4.50
N ASP B 86 28.68 -7.61 -4.73
CA ASP B 86 29.81 -8.24 -4.01
C ASP B 86 31.14 -7.60 -4.39
N SER B 87 31.19 -6.94 -5.52
CA SER B 87 32.46 -6.39 -6.01
C SER B 87 32.50 -4.87 -5.97
N HIS B 88 31.41 -4.24 -5.55
CA HIS B 88 31.35 -2.77 -5.59
C HIS B 88 32.45 -2.10 -4.75
N ALA B 89 32.65 -2.57 -3.52
CA ALA B 89 33.57 -1.90 -2.59
C ALA B 89 35.01 -1.99 -3.08
N GLU B 90 35.45 -3.20 -3.44
CA GLU B 90 36.84 -3.38 -3.87
C GLU B 90 37.17 -2.48 -5.07
N ILE B 91 36.29 -2.50 -6.06
CA ILE B 91 36.51 -1.73 -7.29
C ILE B 91 36.38 -0.22 -7.06
N ALA B 92 35.31 0.21 -6.38
CA ALA B 92 35.06 1.65 -6.30
C ALA B 92 36.13 2.31 -5.44
N ILE B 93 36.56 1.66 -4.37
CA ILE B 93 37.54 2.28 -3.48
C ILE B 93 38.89 2.36 -4.21
N ALA B 94 39.27 1.30 -4.91
CA ALA B 94 40.52 1.32 -5.67
C ALA B 94 40.51 2.43 -6.72
N ALA B 95 39.36 2.61 -7.36
CA ALA B 95 39.23 3.58 -8.45
C ALA B 95 39.39 4.98 -7.88
N LEU B 96 38.67 5.28 -6.79
CA LEU B 96 38.80 6.56 -6.15
C LEU B 96 40.23 6.84 -5.72
N GLU B 97 40.89 5.82 -5.17
CA GLU B 97 42.25 5.98 -4.67
C GLU B 97 43.24 6.24 -5.83
N ALA B 98 42.86 5.75 -7.00
CA ALA B 98 43.66 5.91 -8.23
C ALA B 98 43.33 7.22 -8.93
N GLY B 99 42.43 8.01 -8.35
CA GLY B 99 42.12 9.33 -8.87
C GLY B 99 41.07 9.32 -9.97
N LYS B 100 40.30 8.23 -10.05
CA LYS B 100 39.23 8.09 -11.01
C LYS B 100 37.87 8.42 -10.39
N HIS B 101 37.10 9.25 -11.09
CA HIS B 101 35.68 9.43 -10.72
C HIS B 101 34.95 8.09 -10.84
N VAL B 102 33.90 7.90 -10.05
CA VAL B 102 33.17 6.65 -10.05
C VAL B 102 31.65 6.81 -10.11
N LEU B 103 31.05 6.06 -11.04
CA LEU B 103 29.61 5.80 -10.97
C LEU B 103 29.47 4.36 -10.53
N CYS B 104 28.68 4.10 -9.49
CA CYS B 104 28.50 2.73 -9.03
C CYS B 104 27.01 2.40 -8.99
N GLU B 105 26.64 1.22 -9.48
CA GLU B 105 25.25 0.77 -9.38
C GLU B 105 24.80 0.55 -7.95
N LYS B 106 23.48 0.55 -7.74
CA LYS B 106 22.90 0.20 -6.45
C LYS B 106 22.72 -1.30 -6.30
N PRO B 107 22.45 -1.76 -5.07
CA PRO B 107 22.72 -0.97 -3.87
C PRO B 107 24.22 -0.69 -3.76
N LEU B 108 24.63 0.20 -2.86
CA LEU B 108 26.03 0.60 -2.82
C LEU B 108 26.95 -0.60 -2.60
N ALA B 109 26.57 -1.50 -1.70
CA ALA B 109 27.40 -2.68 -1.39
C ALA B 109 26.55 -3.88 -0.90
N ASN B 110 27.22 -4.91 -0.39
CA ASN B 110 26.48 -6.05 0.17
C ASN B 110 26.37 -6.01 1.68
N THR B 111 27.21 -5.20 2.31
CA THR B 111 27.19 -5.06 3.76
C THR B 111 27.33 -3.58 4.14
N VAL B 112 26.85 -3.23 5.32
CA VAL B 112 27.04 -1.90 5.84
C VAL B 112 28.54 -1.58 6.01
N ALA B 113 29.34 -2.54 6.48
CA ALA B 113 30.77 -2.28 6.67
C ALA B 113 31.44 -1.86 5.33
N GLU B 114 31.10 -2.56 4.27
CA GLU B 114 31.61 -2.24 2.93
C GLU B 114 31.14 -0.84 2.49
N ALA B 115 29.86 -0.53 2.68
CA ALA B 115 29.34 0.77 2.37
C ALA B 115 30.03 1.90 3.17
N GLU B 116 30.34 1.64 4.45
CA GLU B 116 31.06 2.62 5.28
C GLU B 116 32.45 2.92 4.72
N ALA B 117 33.16 1.88 4.29
CA ALA B 117 34.49 2.08 3.70
C ALA B 117 34.38 2.85 2.39
N ALA B 119 31.94 5.04 1.54
CA ALA B 119 31.61 6.43 1.81
C ALA B 119 32.80 7.19 2.37
N ALA B 120 33.61 6.53 3.19
CA ALA B 120 34.80 7.13 3.75
C ALA B 120 35.77 7.49 2.62
N ALA B 121 35.99 6.56 1.69
CA ALA B 121 36.90 6.84 0.58
C ALA B 121 36.36 7.98 -0.29
N ALA B 122 35.05 7.98 -0.50
CA ALA B 122 34.42 9.00 -1.33
C ALA B 122 34.57 10.40 -0.73
N ALA B 123 34.50 10.48 0.59
CA ALA B 123 34.65 11.77 1.26
C ALA B 123 36.03 12.35 1.10
N LYS B 124 37.05 11.50 1.28
CA LYS B 124 38.40 11.93 1.12
C LYS B 124 38.70 12.26 -0.32
N ALA B 125 38.15 11.45 -1.23
CA ALA B 125 38.40 11.66 -2.64
C ALA B 125 37.79 12.95 -3.11
N ALA B 126 36.62 13.30 -2.57
CA ALA B 126 35.90 14.49 -3.04
C ALA B 126 36.65 15.75 -2.64
N ALA B 127 37.29 15.72 -1.46
CA ALA B 127 38.14 16.83 -1.04
C ALA B 127 39.29 17.06 -2.03
N GLY B 128 39.67 16.01 -2.75
CA GLY B 128 40.70 16.10 -3.76
C GLY B 128 40.16 16.23 -5.18
N GLY B 129 38.85 16.46 -5.32
CA GLY B 129 38.22 16.75 -6.61
C GLY B 129 37.80 15.54 -7.41
N ILE B 130 37.75 14.40 -6.74
CA ILE B 130 37.40 13.16 -7.39
C ILE B 130 35.99 12.81 -6.96
N ARG B 131 35.07 12.83 -7.93
CA ARG B 131 33.63 12.64 -7.71
C ARG B 131 33.11 11.22 -7.78
N SER B 132 32.01 10.98 -7.08
CA SER B 132 31.37 9.67 -7.09
C SER B 132 29.88 9.82 -6.92
N VAL B 134 26.18 7.14 -6.63
CA VAL B 134 25.51 5.86 -6.69
C VAL B 134 24.29 5.96 -7.62
N GLY B 135 24.12 5.01 -8.51
CA GLY B 135 23.15 5.08 -9.57
C GLY B 135 21.74 4.64 -9.23
N PHE B 136 21.04 5.38 -8.39
CA PHE B 136 19.63 5.12 -8.16
C PHE B 136 18.84 5.78 -9.30
N THR B 137 18.75 5.06 -10.42
CA THR B 137 18.34 5.63 -11.70
C THR B 137 16.97 6.23 -11.72
N TYR B 138 16.06 5.70 -10.88
CA TYR B 138 14.68 6.14 -10.96
C TYR B 138 14.50 7.56 -10.44
N ARG B 139 15.49 8.10 -9.71
CA ARG B 139 15.49 9.52 -9.38
C ARG B 139 15.40 10.42 -10.59
N ARG B 140 15.88 9.93 -11.72
CA ARG B 140 16.03 10.77 -12.92
C ARG B 140 14.88 10.53 -13.94
N VAL B 141 13.85 9.78 -13.54
CA VAL B 141 12.58 9.78 -14.25
C VAL B 141 12.00 11.20 -14.12
N PRO B 142 11.63 11.83 -15.26
CA PRO B 142 11.13 13.22 -15.12
C PRO B 142 10.01 13.42 -14.11
N ALA B 143 9.04 12.52 -14.07
CA ALA B 143 7.95 12.67 -13.11
C ALA B 143 8.40 12.60 -11.64
N ILE B 144 9.45 11.83 -11.37
CA ILE B 144 10.00 11.68 -10.03
C ILE B 144 10.77 12.94 -9.65
N ALA B 145 11.59 13.43 -10.56
CA ALA B 145 12.28 14.69 -10.37
C ALA B 145 11.29 15.84 -10.14
N LEU B 146 10.16 15.81 -10.85
CA LEU B 146 9.11 16.82 -10.67
C LEU B 146 8.50 16.68 -9.28
N ALA B 147 8.29 15.44 -8.85
CA ALA B 147 7.73 15.20 -7.52
C ALA B 147 8.61 15.84 -6.45
N ARG B 148 9.92 15.60 -6.56
CA ARG B 148 10.88 16.23 -5.66
C ARG B 148 10.73 17.76 -5.69
N LYS B 149 10.55 18.33 -6.89
CA LYS B 149 10.44 19.77 -7.03
C LYS B 149 9.19 20.30 -6.35
N LEU B 150 8.06 19.62 -6.50
CA LEU B 150 6.82 20.02 -5.85
C LEU B 150 6.96 19.99 -4.32
N VAL B 151 7.61 18.97 -3.79
CA VAL B 151 7.91 18.96 -2.35
C VAL B 151 8.79 20.17 -1.97
N ALA B 152 9.87 20.39 -2.72
CA ALA B 152 10.79 21.49 -2.42
C ALA B 152 10.07 22.84 -2.45
N ASP B 153 9.05 22.95 -3.29
CA ASP B 153 8.27 24.19 -3.46
C ASP B 153 7.27 24.37 -2.34
N GLY B 154 7.20 23.41 -1.44
CA GLY B 154 6.27 23.50 -0.32
C GLY B 154 4.84 23.05 -0.56
N LYS B 155 4.59 22.36 -1.66
CA LYS B 155 3.21 22.08 -2.06
C LYS B 155 2.62 20.89 -1.33
N ILE B 156 3.47 20.09 -0.66
CA ILE B 156 2.99 18.90 0.04
C ILE B 156 2.80 19.16 1.57
N GLY B 157 3.62 20.05 2.14
CA GLY B 157 3.46 20.42 3.53
C GLY B 157 3.99 19.34 4.46
N THR B 158 3.39 19.21 5.63
CA THR B 158 3.85 18.25 6.62
C THR B 158 3.43 16.85 6.16
N VAL B 159 4.42 15.98 5.97
CA VAL B 159 4.10 14.66 5.42
C VAL B 159 3.60 13.74 6.54
N ARG B 160 2.44 13.13 6.31
N ARG B 160 2.44 13.13 6.30
CA ARG B 160 1.86 12.19 7.25
CA ARG B 160 1.85 12.18 7.22
C ARG B 160 2.07 10.72 6.81
C ARG B 160 2.15 10.74 6.80
N HIS B 161 1.95 10.45 5.51
CA HIS B 161 2.10 9.11 4.99
C HIS B 161 3.02 9.03 3.80
N VAL B 162 3.78 7.93 3.80
CA VAL B 162 4.55 7.47 2.66
C VAL B 162 4.13 6.01 2.47
N ARG B 163 3.69 5.66 1.27
CA ARG B 163 3.46 4.28 0.92
C ARG B 163 4.18 3.99 -0.38
N ALA B 164 4.84 2.85 -0.46
CA ALA B 164 5.57 2.49 -1.66
C ALA B 164 5.56 1.00 -1.89
N GLN B 165 5.36 0.61 -3.13
CA GLN B 165 5.40 -0.78 -3.52
C GLN B 165 6.30 -0.90 -4.76
N TYR B 166 7.05 -1.98 -4.85
CA TYR B 166 7.78 -2.30 -6.06
C TYR B 166 7.36 -3.73 -6.36
N LEU B 167 6.47 -3.85 -7.31
CA LEU B 167 5.81 -5.09 -7.66
C LEU B 167 6.27 -5.61 -9.03
N GLN B 168 6.84 -6.82 -9.00
CA GLN B 168 7.32 -7.54 -10.17
C GLN B 168 6.87 -9.00 -10.06
N ASP B 169 6.97 -9.75 -11.15
CA ASP B 169 6.52 -11.13 -11.16
C ASP B 169 7.48 -12.03 -11.95
N TRP B 170 8.71 -11.56 -12.19
CA TRP B 170 9.60 -12.28 -13.09
C TRP B 170 10.05 -13.66 -12.61
N ILE B 171 9.97 -13.93 -11.34
CA ILE B 171 10.22 -15.31 -10.87
C ILE B 171 9.03 -15.94 -10.21
N ALA B 172 7.83 -15.41 -10.50
CA ALA B 172 6.61 -15.94 -9.90
C ALA B 172 6.37 -17.40 -10.30
N ASP B 173 6.94 -17.80 -11.42
CA ASP B 173 6.95 -19.22 -11.85
C ASP B 173 8.03 -19.98 -11.09
N PRO B 174 7.64 -20.99 -10.30
CA PRO B 174 8.62 -21.75 -9.52
C PRO B 174 9.69 -22.42 -10.35
N GLU B 175 9.46 -22.64 -11.64
CA GLU B 175 10.47 -23.29 -12.48
C GLU B 175 11.41 -22.31 -13.17
N ALA B 176 11.20 -21.01 -13.00
CA ALA B 176 12.20 -20.06 -13.46
C ALA B 176 13.54 -20.37 -12.81
N PRO B 177 14.64 -20.31 -13.59
CA PRO B 177 15.90 -20.82 -13.07
C PRO B 177 16.64 -19.85 -12.13
N LEU B 178 17.58 -20.40 -11.38
CA LEU B 178 18.51 -19.61 -10.57
C LEU B 178 19.27 -18.64 -11.45
N SER B 179 19.65 -17.51 -10.89
CA SER B 179 20.64 -16.64 -11.50
C SER B 179 21.35 -15.94 -10.36
N TRP B 180 22.29 -15.05 -10.66
CA TRP B 180 23.06 -14.42 -9.61
C TRP B 180 22.17 -13.56 -8.71
N ARG B 181 21.03 -13.13 -9.23
CA ARG B 181 20.12 -12.30 -8.44
C ARG B 181 19.42 -13.07 -7.36
N LEU B 182 19.54 -14.39 -7.41
CA LEU B 182 18.99 -15.27 -6.38
C LEU B 182 20.06 -15.80 -5.42
N ASP B 183 21.29 -15.31 -5.60
CA ASP B 183 22.50 -15.80 -4.89
C ASP B 183 22.96 -14.75 -3.88
N LYS B 184 22.80 -15.04 -2.59
CA LYS B 184 23.12 -14.07 -1.56
C LYS B 184 24.62 -13.62 -1.62
N ASP B 185 25.49 -14.54 -2.01
CA ASP B 185 26.93 -14.24 -2.03
C ASP B 185 27.28 -13.24 -3.17
N LYS B 186 26.44 -13.16 -4.20
CA LYS B 186 26.64 -12.15 -5.26
C LYS B 186 25.85 -10.89 -4.98
N ALA B 187 24.55 -11.04 -4.76
CA ALA B 187 23.66 -9.91 -4.69
C ALA B 187 23.49 -9.26 -3.32
N GLY B 188 23.85 -9.97 -2.24
CA GLY B 188 23.64 -9.47 -0.88
C GLY B 188 22.28 -9.83 -0.29
N SER B 189 21.25 -9.52 -1.06
CA SER B 189 19.89 -9.89 -0.71
C SER B 189 19.11 -9.97 -2.02
N GLY B 190 17.84 -10.34 -1.91
CA GLY B 190 17.01 -10.58 -3.08
C GLY B 190 16.13 -9.38 -3.40
N ALA B 191 14.81 -9.51 -3.22
CA ALA B 191 13.94 -8.38 -3.44
C ALA B 191 14.41 -7.16 -2.63
N LEU B 192 14.78 -7.38 -1.37
CA LEU B 192 15.17 -6.28 -0.48
C LEU B 192 16.24 -5.37 -1.11
N GLY B 193 17.37 -5.92 -1.51
CA GLY B 193 18.44 -5.08 -2.05
C GLY B 193 18.24 -4.65 -3.48
N ASP B 194 17.56 -5.48 -4.25
CA ASP B 194 17.39 -5.18 -5.66
C ASP B 194 16.32 -4.13 -5.90
N ILE B 195 15.15 -4.34 -5.34
CA ILE B 195 14.03 -3.44 -5.62
C ILE B 195 13.55 -2.69 -4.37
N GLY B 196 13.71 -3.28 -3.18
CA GLY B 196 13.44 -2.52 -1.95
C GLY B 196 14.32 -1.27 -1.88
N ALA B 197 15.58 -1.41 -2.27
CA ALA B 197 16.52 -0.27 -2.24
C ALA B 197 15.98 0.89 -3.07
N HIS B 198 15.42 0.58 -4.23
CA HIS B 198 14.93 1.65 -5.08
C HIS B 198 13.83 2.46 -4.38
N ILE B 199 12.89 1.77 -3.74
CA ILE B 199 11.78 2.52 -3.13
C ILE B 199 12.17 3.22 -1.83
N VAL B 200 13.11 2.64 -1.08
CA VAL B 200 13.67 3.36 0.08
C VAL B 200 14.26 4.67 -0.42
N ASP B 201 15.14 4.59 -1.41
CA ASP B 201 15.77 5.82 -1.85
C ASP B 201 14.76 6.79 -2.48
N LEU B 202 13.85 6.29 -3.30
CA LEU B 202 12.87 7.17 -3.97
C LEU B 202 12.04 7.98 -2.97
N THR B 203 11.55 7.33 -1.92
CA THR B 203 10.69 8.01 -0.94
C THR B 203 11.50 9.02 -0.14
N GLN B 204 12.72 8.65 0.25
CA GLN B 204 13.57 9.58 0.98
C GLN B 204 13.96 10.80 0.09
N PHE B 205 14.26 10.53 -1.17
CA PHE B 205 14.65 11.57 -2.12
C PHE B 205 13.48 12.56 -2.32
N ILE B 206 12.29 12.02 -2.60
CA ILE B 206 11.12 12.87 -2.87
C ILE B 206 10.77 13.72 -1.64
N THR B 207 10.69 13.10 -0.48
CA THR B 207 10.28 13.84 0.71
C THR B 207 11.39 14.73 1.27
N GLY B 208 12.64 14.34 1.03
CA GLY B 208 13.77 15.02 1.64
C GLY B 208 13.95 14.63 3.11
N ASP B 209 13.31 13.55 3.52
CA ASP B 209 13.39 13.07 4.91
C ASP B 209 13.98 11.67 4.91
N ARG B 210 14.29 11.15 6.10
CA ARG B 210 14.91 9.85 6.22
C ARG B 210 14.13 8.96 7.16
N ILE B 211 14.15 7.67 6.83
CA ILE B 211 13.54 6.66 7.69
C ILE B 211 14.32 6.57 8.99
N ALA B 212 13.59 6.54 10.13
CA ALA B 212 14.12 6.47 11.48
C ALA B 212 14.13 5.07 12.09
N GLU B 213 13.10 4.29 11.84
CA GLU B 213 13.03 2.94 12.41
C GLU B 213 12.15 2.09 11.48
N VAL B 214 12.35 0.77 11.52
CA VAL B 214 11.56 -0.14 10.72
C VAL B 214 11.17 -1.41 11.48
N SER B 215 10.09 -2.03 11.01
CA SER B 215 9.69 -3.39 11.41
C SER B 215 9.52 -4.16 10.11
N GLY B 216 10.27 -5.25 9.95
CA GLY B 216 10.32 -5.93 8.68
C GLY B 216 10.06 -7.42 8.72
N ARG B 217 9.73 -7.93 7.52
CA ARG B 217 9.64 -9.37 7.30
C ARG B 217 10.06 -9.70 5.88
N LEU B 218 10.99 -10.65 5.80
CA LEU B 218 11.45 -11.17 4.49
C LEU B 218 10.84 -12.57 4.37
N GLU B 219 10.51 -12.97 3.15
CA GLU B 219 9.96 -14.28 2.90
C GLU B 219 10.58 -14.81 1.60
N THR B 220 10.83 -16.12 1.61
CA THR B 220 11.19 -16.85 0.41
C THR B 220 10.09 -17.87 0.12
N PHE B 221 9.33 -17.64 -0.96
CA PHE B 221 8.23 -18.53 -1.32
C PHE B 221 8.71 -19.82 -2.03
N VAL B 222 9.72 -19.69 -2.89
CA VAL B 222 10.27 -20.83 -3.61
C VAL B 222 11.73 -21.00 -3.22
N LYS B 223 12.01 -22.08 -2.52
CA LYS B 223 13.30 -22.24 -1.85
C LYS B 223 14.34 -22.99 -2.69
N GLU B 224 13.91 -23.68 -3.74
CA GLU B 224 14.85 -24.31 -4.66
C GLU B 224 14.35 -24.21 -6.09
N ARG B 225 15.27 -24.07 -7.04
CA ARG B 225 14.93 -23.89 -8.45
C ARG B 225 15.89 -24.65 -9.36
N PRO B 226 15.51 -24.79 -10.63
CA PRO B 226 16.41 -25.38 -11.63
C PRO B 226 17.61 -24.47 -11.91
N LYS B 227 18.75 -25.09 -12.21
CA LYS B 227 19.92 -24.33 -12.61
C LYS B 227 19.79 -23.94 -14.07
N PRO B 228 20.48 -22.85 -14.47
CA PRO B 228 20.50 -22.41 -15.87
C PRO B 228 21.60 -23.09 -16.68
N GLU B 241 18.99 -30.46 -13.01
CA GLU B 241 19.60 -30.24 -11.71
C GLU B 241 19.11 -28.95 -11.08
N ARG B 242 19.12 -28.91 -9.76
CA ARG B 242 18.45 -27.85 -9.02
C ARG B 242 19.36 -27.34 -7.90
N GLY B 243 19.09 -26.13 -7.41
CA GLY B 243 19.84 -25.62 -6.28
C GLY B 243 19.02 -24.67 -5.43
N PRO B 244 19.58 -24.28 -4.29
CA PRO B 244 18.86 -23.40 -3.37
C PRO B 244 18.82 -21.93 -3.75
N VAL B 245 17.66 -21.34 -3.47
CA VAL B 245 17.49 -19.88 -3.48
C VAL B 245 17.88 -19.38 -2.08
N THR B 246 18.87 -18.49 -2.03
CA THR B 246 19.48 -18.09 -0.76
C THR B 246 19.19 -16.62 -0.42
N VAL B 247 18.19 -16.05 -1.08
CA VAL B 247 17.73 -14.69 -0.83
C VAL B 247 16.22 -14.66 -0.65
N ASP B 248 15.74 -13.50 -0.24
CA ASP B 248 14.31 -13.24 -0.11
C ASP B 248 13.64 -13.02 -1.47
N ASP B 249 12.43 -13.56 -1.63
CA ASP B 249 11.55 -13.26 -2.76
C ASP B 249 10.75 -11.97 -2.55
N ALA B 250 10.56 -11.60 -1.29
CA ALA B 250 9.77 -10.42 -0.92
C ALA B 250 10.25 -9.86 0.40
N ALA B 251 10.09 -8.54 0.55
CA ALA B 251 10.45 -7.81 1.74
C ALA B 251 9.38 -6.77 1.97
N VAL B 252 8.80 -6.82 3.16
CA VAL B 252 7.77 -5.87 3.54
C VAL B 252 8.19 -5.26 4.86
N PHE B 253 7.92 -3.97 5.02
CA PHE B 253 8.23 -3.31 6.26
C PHE B 253 7.43 -2.04 6.54
N LEU B 254 7.17 -1.83 7.83
CA LEU B 254 6.67 -0.56 8.36
C LEU B 254 7.85 0.34 8.66
N ALA B 255 7.62 1.65 8.63
CA ALA B 255 8.67 2.60 8.95
C ALA B 255 8.07 3.82 9.63
N THR B 256 8.87 4.53 10.40
CA THR B 256 8.55 5.93 10.71
C THR B 256 9.69 6.73 10.16
N PHE B 257 9.37 7.94 9.73
CA PHE B 257 10.39 8.86 9.22
C PHE B 257 10.79 9.83 10.31
N ARG B 258 11.97 10.43 10.18
CA ARG B 258 12.45 11.37 11.18
C ARG B 258 11.47 12.54 11.42
N GLY B 259 10.79 13.00 10.38
CA GLY B 259 9.84 14.10 10.48
C GLY B 259 8.47 13.70 11.02
N GLY B 260 8.28 12.41 11.24
CA GLY B 260 7.07 11.88 11.86
C GLY B 260 6.17 11.03 10.99
N ALA B 261 6.37 11.06 9.67
CA ALA B 261 5.50 10.30 8.78
C ALA B 261 5.56 8.80 9.05
N LEU B 262 4.43 8.12 8.85
CA LEU B 262 4.38 6.67 8.80
C LEU B 262 4.67 6.22 7.38
N GLY B 263 5.43 5.14 7.25
CA GLY B 263 5.78 4.56 5.97
C GLY B 263 5.34 3.10 5.90
N VAL B 264 4.91 2.67 4.74
CA VAL B 264 4.55 1.26 4.52
C VAL B 264 5.14 0.86 3.18
N PHE B 265 6.04 -0.13 3.21
CA PHE B 265 6.85 -0.55 2.07
C PHE B 265 6.66 -2.03 1.73
N GLU B 266 6.61 -2.32 0.43
CA GLU B 266 6.46 -3.71 -0.03
C GLU B 266 7.22 -3.86 -1.32
N ALA B 267 8.11 -4.84 -1.36
CA ALA B 267 8.88 -5.12 -2.57
C ALA B 267 8.82 -6.62 -2.82
N THR B 268 8.38 -7.04 -4.00
CA THR B 268 8.28 -8.48 -4.27
C THR B 268 8.46 -8.83 -5.73
N ARG B 269 8.95 -10.05 -5.95
CA ARG B 269 9.10 -10.66 -7.26
C ARG B 269 7.95 -11.64 -7.60
N PHE B 270 6.94 -11.67 -6.73
CA PHE B 270 5.83 -12.63 -6.85
C PHE B 270 4.43 -11.97 -6.97
N ALA B 271 4.39 -10.73 -7.41
CA ALA B 271 3.16 -9.99 -7.63
C ALA B 271 2.62 -10.26 -9.05
N THR B 272 2.12 -11.47 -9.23
CA THR B 272 1.59 -11.97 -10.49
C THR B 272 0.80 -10.94 -11.29
N GLY B 273 1.31 -10.58 -12.47
CA GLY B 273 0.64 -9.58 -13.32
C GLY B 273 1.28 -8.19 -13.31
N ARG B 274 2.07 -7.92 -12.28
CA ARG B 274 2.80 -6.66 -12.12
C ARG B 274 4.20 -6.89 -12.66
N LYS B 275 4.67 -6.00 -13.53
CA LYS B 275 5.91 -6.23 -14.23
C LYS B 275 7.07 -5.35 -13.73
N ASN B 276 6.82 -4.05 -13.60
CA ASN B 276 7.78 -3.11 -13.04
C ASN B 276 7.03 -1.99 -12.40
N ALA B 277 6.11 -2.37 -11.53
CA ALA B 277 5.18 -1.42 -10.94
C ALA B 277 5.76 -0.84 -9.68
N ILE B 278 6.43 0.29 -9.86
CA ILE B 278 6.95 1.07 -8.76
C ILE B 278 5.91 2.12 -8.43
N ARG B 279 5.22 1.93 -7.30
CA ARG B 279 4.08 2.75 -6.91
C ARG B 279 4.42 3.52 -5.65
N ILE B 280 4.29 4.84 -5.73
CA ILE B 280 4.59 5.68 -4.60
C ILE B 280 3.42 6.64 -4.37
N GLU B 281 2.99 6.76 -3.11
CA GLU B 281 2.07 7.86 -2.80
C GLU B 281 2.49 8.55 -1.52
N ILE B 282 2.43 9.89 -1.52
CA ILE B 282 2.85 10.68 -0.39
C ILE B 282 1.69 11.58 -0.06
N ASN B 283 1.23 11.50 1.20
CA ASN B 283 0.12 12.34 1.66
C ASN B 283 0.60 13.34 2.72
N GLY B 284 0.34 14.62 2.45
CA GLY B 284 0.73 15.69 3.34
C GLY B 284 -0.35 16.69 3.65
N SER B 285 -0.07 17.62 4.55
CA SER B 285 -1.08 18.56 4.99
C SER B 285 -1.52 19.50 3.90
N LYS B 286 -0.64 19.79 2.92
CA LYS B 286 -0.99 20.71 1.85
C LYS B 286 -1.26 20.05 0.50
N GLY B 287 -0.91 18.77 0.36
CA GLY B 287 -1.18 18.06 -0.88
C GLY B 287 -0.66 16.65 -0.83
N SER B 288 -0.89 15.98 -1.94
CA SER B 288 -0.45 14.59 -2.10
C SER B 288 0.10 14.36 -3.50
N LEU B 289 0.97 13.37 -3.59
CA LEU B 289 1.56 12.95 -4.88
C LEU B 289 1.38 11.46 -5.03
N ALA B 290 1.15 11.02 -6.28
CA ALA B 290 1.09 9.60 -6.61
C ALA B 290 1.73 9.31 -7.97
N PHE B 291 2.42 8.17 -8.03
CA PHE B 291 3.21 7.75 -9.19
C PHE B 291 3.15 6.23 -9.33
N ASP B 292 3.13 5.75 -10.57
CA ASP B 292 3.29 4.33 -10.86
C ASP B 292 4.21 4.24 -12.05
N PHE B 293 5.32 3.53 -11.96
CA PHE B 293 6.24 3.47 -13.11
C PHE B 293 5.61 2.90 -14.39
N GLU B 294 4.65 2.01 -14.24
CA GLU B 294 3.99 1.46 -15.42
C GLU B 294 3.20 2.55 -16.19
N ASP B 295 2.98 3.69 -15.52
CA ASP B 295 2.53 4.97 -16.11
C ASP B 295 3.64 6.06 -15.93
N ASN B 297 5.23 8.31 -17.40
CA ASN B 297 5.22 9.67 -17.90
C ASN B 297 4.22 10.55 -17.15
N LEU B 298 3.55 9.99 -16.15
CA LEU B 298 2.56 10.77 -15.37
C LEU B 298 2.99 10.99 -13.92
N LEU B 299 2.70 12.18 -13.41
CA LEU B 299 2.72 12.42 -11.96
C LEU B 299 1.33 12.94 -11.57
N HIS B 300 0.73 12.39 -10.51
CA HIS B 300 -0.56 12.87 -10.04
C HIS B 300 -0.36 13.72 -8.81
N PHE B 301 -0.94 14.92 -8.83
CA PHE B 301 -0.76 15.90 -7.76
C PHE B 301 -2.09 16.46 -7.27
N TYR B 302 -2.40 16.27 -5.99
CA TYR B 302 -3.58 16.80 -5.34
C TYR B 302 -3.17 17.97 -4.47
N ASP B 303 -3.81 19.14 -4.69
CA ASP B 303 -3.55 20.33 -3.91
C ASP B 303 -4.65 20.47 -2.89
N ALA B 304 -4.29 20.28 -1.63
CA ALA B 304 -5.28 20.32 -0.54
C ALA B 304 -5.74 21.73 -0.21
N THR B 305 -5.07 22.73 -0.75
CA THR B 305 -5.46 24.13 -0.54
C THR B 305 -6.47 24.64 -1.57
N GLU B 306 -6.79 23.79 -2.52
CA GLU B 306 -7.75 24.12 -3.57
C GLU B 306 -9.21 24.00 -3.06
N ASP B 307 -10.08 24.83 -3.63
CA ASP B 307 -11.52 24.86 -3.33
C ASP B 307 -12.05 23.42 -3.48
N PRO B 308 -12.78 22.92 -2.49
CA PRO B 308 -13.28 21.54 -2.64
C PRO B 308 -14.14 21.29 -3.86
N GLU B 309 -14.70 22.35 -4.44
CA GLU B 309 -15.49 22.17 -5.65
C GLU B 309 -14.67 21.54 -6.77
N THR B 310 -13.39 21.89 -6.86
CA THR B 310 -12.55 21.37 -7.93
C THR B 310 -11.30 20.60 -7.50
N ALA B 311 -11.10 20.42 -6.20
CA ALA B 311 -9.87 19.77 -5.74
C ALA B 311 -9.83 18.32 -6.19
N GLY B 312 -8.67 17.87 -6.64
CA GLY B 312 -8.50 16.51 -7.07
C GLY B 312 -7.09 16.28 -7.54
N PHE B 313 -6.72 15.03 -7.73
CA PHE B 313 -5.40 14.69 -8.26
C PHE B 313 -5.38 15.05 -9.73
N ARG B 314 -4.46 15.95 -10.10
CA ARG B 314 -4.31 16.26 -11.50
C ARG B 314 -3.23 15.41 -12.10
N ARG B 315 -3.58 14.90 -13.27
CA ARG B 315 -2.71 14.09 -14.08
C ARG B 315 -1.72 15.01 -14.83
N ILE B 316 -0.47 15.06 -14.37
CA ILE B 316 0.53 15.88 -15.03
C ILE B 316 1.30 14.95 -15.99
N LEU B 317 1.15 15.18 -17.28
CA LEU B 317 1.95 14.50 -18.28
C LEU B 317 3.31 15.18 -18.25
N ALA B 318 4.33 14.42 -17.84
CA ALA B 318 5.64 14.99 -17.60
C ALA B 318 6.46 15.09 -18.88
N THR B 319 5.92 15.81 -19.87
CA THR B 319 6.57 15.96 -21.17
C THR B 319 6.65 17.43 -21.63
N GLU B 320 6.62 18.35 -20.68
CA GLU B 320 6.86 19.77 -21.00
C GLU B 320 8.31 20.12 -20.92
N PRO B 321 8.72 21.11 -21.75
CA PRO B 321 10.13 21.49 -21.70
C PRO B 321 10.57 22.07 -20.37
N VAL B 322 9.63 22.52 -19.56
CA VAL B 322 9.96 22.96 -18.20
C VAL B 322 10.10 21.84 -17.18
N HIS B 323 9.77 20.62 -17.57
CA HIS B 323 9.97 19.48 -16.69
C HIS B 323 11.43 19.04 -16.74
N PRO B 324 11.90 18.44 -15.64
CA PRO B 324 13.31 18.04 -15.56
C PRO B 324 13.72 17.14 -16.72
N TYR B 325 14.81 17.51 -17.40
CA TYR B 325 15.44 16.73 -18.49
C TYR B 325 14.69 16.71 -19.85
N VAL B 326 13.39 16.97 -19.85
CA VAL B 326 12.55 16.76 -21.03
C VAL B 326 12.97 17.64 -22.22
N ALA B 327 13.54 18.81 -21.95
CA ALA B 327 13.94 19.71 -23.02
C ALA B 327 14.96 19.05 -23.96
N GLY B 328 15.63 17.99 -23.51
CA GLY B 328 16.61 17.32 -24.37
C GLY B 328 15.98 16.41 -25.40
N TRP B 329 14.69 16.12 -25.25
CA TRP B 329 14.11 15.04 -26.03
C TRP B 329 13.04 15.50 -27.04
N TRP B 330 11.78 15.12 -26.84
CA TRP B 330 10.76 15.19 -27.90
C TRP B 330 9.63 16.10 -27.45
N PRO B 331 8.71 16.43 -28.36
CA PRO B 331 7.63 17.37 -28.01
C PRO B 331 6.65 16.80 -26.99
N PRO B 332 5.75 17.66 -26.46
CA PRO B 332 4.78 17.20 -25.47
C PRO B 332 3.97 15.97 -25.94
N GLY B 333 3.80 15.04 -25.03
CA GLY B 333 3.06 13.82 -25.30
C GLY B 333 3.88 12.76 -26.01
N HIS B 334 5.12 13.08 -26.40
CA HIS B 334 6.02 12.15 -27.09
C HIS B 334 6.83 11.43 -26.02
N LEU B 335 6.29 10.29 -25.57
CA LEU B 335 6.70 9.72 -24.29
C LEU B 335 8.15 9.23 -24.21
N LEU B 336 8.67 9.25 -22.97
CA LEU B 336 9.97 8.69 -22.65
C LEU B 336 9.74 7.34 -21.98
N GLY B 337 10.81 6.63 -21.68
CA GLY B 337 10.73 5.32 -21.06
C GLY B 337 11.84 5.05 -20.08
N TYR B 338 12.02 3.78 -19.79
CA TYR B 338 13.01 3.33 -18.83
C TYR B 338 14.43 3.80 -19.09
N GLU B 339 14.85 3.78 -20.35
CA GLU B 339 16.28 4.00 -20.63
C GLU B 339 16.72 5.44 -20.37
N HIS B 340 15.76 6.38 -20.40
CA HIS B 340 16.14 7.80 -20.42
C HIS B 340 16.77 8.24 -19.11
N GLY B 341 16.34 7.68 -17.98
CA GLY B 341 16.95 8.02 -16.71
C GLY B 341 18.44 7.76 -16.64
N PHE B 342 18.93 6.75 -17.33
CA PHE B 342 20.38 6.50 -17.39
C PHE B 342 21.11 7.66 -18.09
N THR B 343 20.52 8.17 -19.17
CA THR B 343 21.12 9.29 -19.87
C THR B 343 21.15 10.50 -18.96
N HIS B 344 20.06 10.74 -18.26
CA HIS B 344 20.00 11.85 -17.33
C HIS B 344 21.04 11.75 -16.23
N GLN B 345 21.29 10.54 -15.73
CA GLN B 345 22.36 10.30 -14.77
C GLN B 345 23.70 10.76 -15.28
N VAL B 346 24.02 10.34 -16.50
CA VAL B 346 25.22 10.77 -17.18
C VAL B 346 25.30 12.30 -17.33
N VAL B 347 24.20 12.95 -17.75
CA VAL B 347 24.17 14.40 -17.90
C VAL B 347 24.57 15.05 -16.57
N ASP B 348 23.91 14.63 -15.50
CA ASP B 348 24.18 15.21 -14.19
C ASP B 348 25.58 14.93 -13.67
N LEU B 349 26.06 13.72 -13.87
CA LEU B 349 27.38 13.31 -13.39
C LEU B 349 28.50 14.08 -14.14
N VAL B 350 28.41 14.14 -15.46
CA VAL B 350 29.41 14.87 -16.27
C VAL B 350 29.37 16.35 -15.89
N THR B 351 28.19 16.90 -15.70
CA THR B 351 28.09 18.32 -15.39
C THR B 351 28.66 18.59 -13.99
N ALA B 352 28.37 17.73 -13.02
CA ALA B 352 28.93 17.88 -11.68
C ALA B 352 30.45 17.89 -11.76
N ILE B 353 31.01 16.95 -12.51
CA ILE B 353 32.47 16.88 -12.60
C ILE B 353 33.06 18.17 -13.18
N ALA B 354 32.44 18.66 -14.24
CA ALA B 354 32.90 19.85 -14.94
C ALA B 354 32.85 21.07 -14.03
N GLU B 355 31.81 21.15 -13.21
CA GLU B 355 31.54 22.31 -12.36
C GLU B 355 32.21 22.22 -10.98
N GLY B 356 32.90 21.11 -10.71
CA GLY B 356 33.55 20.89 -9.42
C GLY B 356 32.60 20.71 -8.26
N LYS B 357 31.52 19.98 -8.52
CA LYS B 357 30.47 19.74 -7.55
C LYS B 357 30.34 18.26 -7.26
N ASP B 358 29.84 17.96 -6.06
CA ASP B 358 29.62 16.58 -5.68
C ASP B 358 28.23 16.13 -6.12
N PRO B 359 28.17 15.09 -6.95
CA PRO B 359 26.86 14.62 -7.49
C PRO B 359 26.04 13.92 -6.41
N GLU B 360 24.72 13.89 -6.61
CA GLU B 360 23.78 13.21 -5.74
C GLU B 360 23.01 12.18 -6.54
N PRO B 361 22.71 11.01 -5.93
CA PRO B 361 23.06 10.57 -4.60
C PRO B 361 24.54 10.21 -4.44
N SER B 362 25.04 10.63 -3.30
CA SER B 362 26.43 10.42 -2.94
C SER B 362 26.58 9.02 -2.38
N PHE B 363 27.84 8.59 -2.25
CA PHE B 363 28.07 7.35 -1.55
C PHE B 363 27.58 7.45 -0.08
N ALA B 364 27.68 8.62 0.57
CA ALA B 364 27.10 8.77 1.89
C ALA B 364 25.60 8.46 1.86
N ASP B 365 24.92 8.98 0.84
CA ASP B 365 23.49 8.67 0.65
C ASP B 365 23.28 7.15 0.45
N GLY B 366 24.15 6.55 -0.33
CA GLY B 366 24.12 5.12 -0.57
C GLY B 366 24.28 4.31 0.70
N LEU B 367 25.17 4.78 1.57
CA LEU B 367 25.40 4.13 2.85
C LEU B 367 24.16 4.21 3.74
N GLN B 368 23.49 5.35 3.77
CA GLN B 368 22.30 5.47 4.62
C GLN B 368 21.21 4.48 4.14
N VAL B 369 21.07 4.34 2.83
CA VAL B 369 20.13 3.34 2.29
C VAL B 369 20.53 1.93 2.70
N GLN B 370 21.83 1.59 2.59
CA GLN B 370 22.33 0.30 3.02
C GLN B 370 21.93 0.01 4.50
N ARG B 371 22.00 1.04 5.35
CA ARG B 371 21.69 0.88 6.78
C ARG B 371 20.17 0.59 6.91
N VAL B 372 19.34 1.23 6.09
CA VAL B 372 17.91 0.89 6.09
C VAL B 372 17.72 -0.59 5.69
N LEU B 373 18.39 -1.03 4.62
CA LEU B 373 18.23 -2.40 4.19
C LEU B 373 18.68 -3.36 5.28
N ALA B 374 19.82 -3.08 5.92
CA ALA B 374 20.34 -3.96 6.95
C ALA B 374 19.38 -4.04 8.11
N ALA B 375 18.79 -2.90 8.45
CA ALA B 375 17.80 -2.85 9.54
C ALA B 375 16.59 -3.68 9.24
N VAL B 376 16.13 -3.68 7.98
CA VAL B 376 14.93 -4.44 7.62
C VAL B 376 15.23 -5.92 7.77
N GLU B 377 16.41 -6.33 7.28
CA GLU B 377 16.80 -7.73 7.33
C GLU B 377 16.96 -8.20 8.80
N THR B 378 17.64 -7.38 9.59
CA THR B 378 17.84 -7.68 11.00
C THR B 378 16.50 -7.67 11.76
N SER B 379 15.61 -6.75 11.42
CA SER B 379 14.27 -6.77 12.00
C SER B 379 13.56 -8.09 11.69
N SER B 380 13.63 -8.56 10.44
CA SER B 380 12.95 -9.81 10.06
C SER B 380 13.39 -11.00 10.91
N THR B 381 14.70 -11.23 10.98
CA THR B 381 15.23 -12.35 11.76
C THR B 381 15.03 -12.18 13.27
N SER B 382 15.18 -10.98 13.79
CA SER B 382 15.06 -10.75 15.24
C SER B 382 13.62 -10.59 15.71
N ARG B 383 12.74 -10.27 14.78
CA ARG B 383 11.33 -9.96 15.04
C ARG B 383 11.18 -8.69 15.91
N GLN B 384 12.22 -7.84 15.89
CA GLN B 384 12.24 -6.59 16.65
C GLN B 384 12.31 -5.37 15.72
N TRP B 385 11.73 -4.26 16.16
CA TRP B 385 11.93 -2.97 15.50
C TRP B 385 13.42 -2.62 15.57
N GLN B 386 13.89 -1.99 14.51
CA GLN B 386 15.30 -1.58 14.45
C GLN B 386 15.40 -0.10 14.08
N GLU B 387 16.22 0.65 14.84
CA GLU B 387 16.49 2.04 14.50
C GLU B 387 17.58 2.18 13.44
N ILE B 388 17.46 3.21 12.62
CA ILE B 388 18.46 3.54 11.61
C ILE B 388 19.32 4.68 12.15
N PRO B 389 20.65 4.46 12.28
CA PRO B 389 21.60 5.50 12.70
C PRO B 389 21.52 6.75 11.81
N GLU B 390 21.70 7.94 12.39
CA GLU B 390 21.81 9.16 11.59
C GLU B 390 23.27 9.52 11.37
#